data_2YS0
#
_entry.id   2YS0
#
_entity_poly.entity_id   1
_entity_poly.type   'polypeptide(L)'
_entity_poly.pdbx_seq_one_letter_code
;GSSGSSGWTCNKFRCGEKRLTRSLCACSDDCKDQGDCCINYSSVCQGEKSSGPSSG
;
_entity_poly.pdbx_strand_id   A
#
# COMPACT_ATOMS: atom_id res chain seq x y z
N GLY A 1 6.11 -1.12 -23.37
CA GLY A 1 7.22 -1.82 -22.74
C GLY A 1 6.75 -3.00 -21.90
N SER A 2 7.68 -3.61 -21.18
CA SER A 2 7.37 -4.76 -20.34
C SER A 2 6.40 -4.38 -19.23
N SER A 3 5.65 -5.35 -18.74
CA SER A 3 4.68 -5.11 -17.68
C SER A 3 5.38 -4.64 -16.40
N GLY A 4 6.42 -5.35 -16.00
CA GLY A 4 7.15 -4.99 -14.80
C GLY A 4 7.51 -6.20 -13.95
N SER A 5 8.34 -5.98 -12.94
CA SER A 5 8.76 -7.06 -12.05
C SER A 5 7.80 -7.21 -10.87
N SER A 6 8.01 -8.25 -10.07
CA SER A 6 7.16 -8.50 -8.91
C SER A 6 7.20 -7.33 -7.94
N GLY A 7 6.02 -6.88 -7.52
CA GLY A 7 5.94 -5.76 -6.59
C GLY A 7 5.05 -6.06 -5.41
N TRP A 8 5.55 -6.84 -4.47
CA TRP A 8 4.78 -7.20 -3.28
C TRP A 8 4.87 -6.11 -2.22
N THR A 9 4.79 -4.86 -2.66
CA THR A 9 4.87 -3.73 -1.75
C THR A 9 3.92 -2.61 -2.18
N CYS A 10 3.63 -1.70 -1.25
CA CYS A 10 2.74 -0.58 -1.54
C CYS A 10 3.42 0.74 -1.25
N ASN A 11 2.89 1.82 -1.84
CA ASN A 11 3.46 3.15 -1.64
C ASN A 11 2.46 4.07 -0.94
N LYS A 12 2.98 5.01 -0.16
CA LYS A 12 2.13 5.95 0.57
C LYS A 12 0.97 6.43 -0.31
N PHE A 13 1.30 6.90 -1.50
CA PHE A 13 0.28 7.39 -2.43
C PHE A 13 -0.69 6.27 -2.81
N ARG A 14 -0.14 5.12 -3.18
CA ARG A 14 -0.95 3.98 -3.57
C ARG A 14 -2.10 3.77 -2.59
N CYS A 15 -1.81 3.93 -1.29
CA CYS A 15 -2.83 3.77 -0.26
C CYS A 15 -4.08 4.57 -0.59
N GLY A 16 -5.22 3.89 -0.56
CA GLY A 16 -6.48 4.55 -0.86
C GLY A 16 -6.66 4.81 -2.34
N GLU A 17 -6.24 3.85 -3.17
CA GLU A 17 -6.36 3.98 -4.61
C GLU A 17 -7.54 3.15 -5.13
N LYS A 18 -8.01 3.49 -6.33
CA LYS A 18 -9.13 2.78 -6.94
C LYS A 18 -8.82 2.46 -8.40
N ARG A 19 -7.56 2.16 -8.69
CA ARG A 19 -7.15 1.84 -10.05
C ARG A 19 -5.98 0.85 -10.04
N LEU A 20 -6.25 -0.39 -10.42
CA LEU A 20 -5.22 -1.42 -10.46
C LEU A 20 -5.44 -2.37 -11.63
N THR A 21 -4.39 -2.60 -12.40
CA THR A 21 -4.47 -3.49 -13.56
C THR A 21 -3.34 -4.52 -13.53
N ARG A 22 -2.14 -4.07 -13.17
CA ARG A 22 -0.98 -4.96 -13.11
C ARG A 22 -0.27 -4.82 -11.77
N SER A 23 -0.81 -5.48 -10.74
CA SER A 23 -0.22 -5.42 -9.42
C SER A 23 -0.56 -6.69 -8.62
N LEU A 24 0.47 -7.35 -8.10
CA LEU A 24 0.28 -8.56 -7.32
C LEU A 24 -0.64 -8.32 -6.13
N CYS A 25 -0.39 -7.23 -5.41
CA CYS A 25 -1.20 -6.87 -4.24
C CYS A 25 -2.06 -5.66 -4.54
N ALA A 26 -2.93 -5.31 -3.59
CA ALA A 26 -3.82 -4.16 -3.75
C ALA A 26 -3.60 -3.15 -2.63
N CYS A 27 -3.38 -1.89 -3.02
CA CYS A 27 -3.16 -0.83 -2.05
C CYS A 27 -4.43 0.01 -1.86
N SER A 28 -5.57 -0.67 -1.82
CA SER A 28 -6.85 0.01 -1.64
C SER A 28 -7.56 -0.49 -0.38
N ASP A 29 -8.46 0.33 0.14
CA ASP A 29 -9.21 -0.02 1.33
C ASP A 29 -9.88 -1.38 1.18
N ASP A 30 -10.51 -1.60 0.04
CA ASP A 30 -11.19 -2.87 -0.25
C ASP A 30 -10.34 -4.04 0.21
N CYS A 31 -9.06 -4.01 -0.14
CA CYS A 31 -8.14 -5.08 0.22
C CYS A 31 -8.35 -5.51 1.67
N LYS A 32 -8.61 -4.53 2.54
CA LYS A 32 -8.83 -4.80 3.95
C LYS A 32 -10.02 -5.73 4.15
N ASP A 33 -11.14 -5.39 3.53
CA ASP A 33 -12.35 -6.21 3.64
C ASP A 33 -12.18 -7.53 2.90
N GLN A 34 -11.77 -7.45 1.63
CA GLN A 34 -11.58 -8.64 0.82
C GLN A 34 -10.50 -9.53 1.42
N GLY A 35 -9.28 -9.00 1.50
CA GLY A 35 -8.18 -9.78 2.05
C GLY A 35 -7.02 -9.89 1.09
N ASP A 36 -6.67 -8.78 0.45
CA ASP A 36 -5.56 -8.76 -0.50
C ASP A 36 -4.67 -7.55 -0.27
N CYS A 37 -4.40 -7.24 0.99
CA CYS A 37 -3.56 -6.09 1.33
C CYS A 37 -2.09 -6.48 1.29
N CYS A 38 -1.30 -5.67 0.58
CA CYS A 38 0.13 -5.93 0.46
C CYS A 38 0.74 -6.31 1.81
N ILE A 39 1.85 -7.03 1.77
CA ILE A 39 2.54 -7.45 2.99
C ILE A 39 2.82 -6.27 3.90
N ASN A 40 3.31 -5.18 3.30
CA ASN A 40 3.63 -3.97 4.06
C ASN A 40 2.60 -2.87 3.79
N TYR A 41 1.33 -3.26 3.74
CA TYR A 41 0.25 -2.30 3.50
C TYR A 41 0.04 -1.39 4.71
N SER A 42 0.00 -2.00 5.89
CA SER A 42 -0.20 -1.24 7.12
C SER A 42 1.05 -0.45 7.48
N SER A 43 2.21 -1.04 7.24
CA SER A 43 3.49 -0.38 7.53
C SER A 43 3.62 0.92 6.76
N VAL A 44 3.18 0.90 5.50
CA VAL A 44 3.25 2.08 4.65
C VAL A 44 2.01 2.96 4.82
N CYS A 45 0.84 2.34 4.68
CA CYS A 45 -0.42 3.06 4.81
C CYS A 45 -0.70 3.42 6.27
N GLN A 46 -0.79 2.40 7.11
CA GLN A 46 -1.04 2.62 8.54
C GLN A 46 0.23 3.03 9.26
N GLY A 47 0.94 4.01 8.70
CA GLY A 47 2.16 4.49 9.31
C GLY A 47 1.91 5.45 10.45
N GLU A 48 2.72 6.50 10.53
CA GLU A 48 2.59 7.49 11.59
C GLU A 48 2.41 8.89 11.00
N LYS A 49 1.18 9.25 10.69
CA LYS A 49 0.89 10.57 10.12
C LYS A 49 -0.18 11.29 10.94
N SER A 50 0.28 12.19 11.82
CA SER A 50 -0.65 12.95 12.67
C SER A 50 0.07 14.14 13.29
N SER A 51 -0.42 15.34 12.98
CA SER A 51 0.17 16.58 13.50
C SER A 51 1.68 16.57 13.31
N GLY A 52 2.12 16.15 12.13
CA GLY A 52 3.54 16.10 11.84
C GLY A 52 3.86 16.55 10.43
N PRO A 53 5.02 17.20 10.25
CA PRO A 53 5.47 17.69 8.95
C PRO A 53 5.84 16.56 8.00
N SER A 54 6.58 15.59 8.51
CA SER A 54 7.01 14.45 7.70
C SER A 54 7.18 13.20 8.57
N SER A 55 6.62 12.09 8.11
CA SER A 55 6.70 10.83 8.84
C SER A 55 8.03 10.13 8.57
N GLY A 56 9.12 10.89 8.68
CA GLY A 56 10.43 10.32 8.44
C GLY A 56 10.75 9.17 9.37
N GLY A 1 10.50 -2.92 -24.37
CA GLY A 1 9.36 -2.87 -23.47
C GLY A 1 9.69 -2.16 -22.16
N SER A 2 8.69 -1.50 -21.60
CA SER A 2 8.88 -0.78 -20.33
C SER A 2 9.06 -1.76 -19.18
N SER A 3 10.13 -1.56 -18.41
CA SER A 3 10.43 -2.42 -17.28
C SER A 3 9.21 -2.55 -16.36
N GLY A 4 9.06 -3.72 -15.74
CA GLY A 4 7.94 -3.95 -14.85
C GLY A 4 8.19 -5.09 -13.89
N SER A 5 8.97 -4.82 -12.84
CA SER A 5 9.30 -5.84 -11.85
C SER A 5 8.14 -6.02 -10.86
N SER A 6 7.80 -7.28 -10.59
CA SER A 6 6.71 -7.59 -9.67
C SER A 6 7.15 -7.37 -8.23
N GLY A 7 6.41 -6.53 -7.52
CA GLY A 7 6.74 -6.25 -6.13
C GLY A 7 5.59 -6.55 -5.18
N TRP A 8 5.81 -6.36 -3.90
CA TRP A 8 4.79 -6.61 -2.90
C TRP A 8 4.56 -5.38 -2.02
N THR A 9 5.65 -4.77 -1.57
CA THR A 9 5.56 -3.59 -0.72
C THR A 9 4.60 -2.56 -1.31
N CYS A 10 4.19 -1.60 -0.49
CA CYS A 10 3.27 -0.56 -0.93
C CYS A 10 3.91 0.82 -0.80
N ASN A 11 3.54 1.72 -1.71
CA ASN A 11 4.08 3.08 -1.72
C ASN A 11 3.04 4.08 -1.23
N LYS A 12 3.50 5.14 -0.58
CA LYS A 12 2.60 6.17 -0.08
C LYS A 12 1.46 6.44 -1.05
N PHE A 13 1.81 6.67 -2.31
CA PHE A 13 0.81 6.94 -3.34
C PHE A 13 -0.13 5.75 -3.51
N ARG A 14 0.45 4.55 -3.62
CA ARG A 14 -0.33 3.34 -3.79
C ARG A 14 -1.52 3.32 -2.83
N CYS A 15 -1.25 3.58 -1.55
CA CYS A 15 -2.28 3.59 -0.53
C CYS A 15 -3.52 4.34 -1.02
N GLY A 16 -4.52 3.60 -1.48
CA GLY A 16 -5.74 4.22 -1.98
C GLY A 16 -5.90 4.09 -3.48
N GLU A 17 -5.83 2.85 -3.96
CA GLU A 17 -5.96 2.58 -5.39
C GLU A 17 -7.26 1.84 -5.69
N LYS A 18 -7.52 1.60 -6.97
CA LYS A 18 -8.73 0.90 -7.38
C LYS A 18 -8.58 -0.60 -7.18
N ARG A 19 -9.68 -1.32 -7.35
CA ARG A 19 -9.68 -2.78 -7.19
C ARG A 19 -8.95 -3.46 -8.33
N LEU A 20 -7.66 -3.73 -8.14
CA LEU A 20 -6.84 -4.38 -9.16
C LEU A 20 -7.38 -5.77 -9.47
N THR A 21 -7.07 -6.26 -10.68
CA THR A 21 -7.51 -7.58 -11.10
C THR A 21 -6.35 -8.56 -11.16
N ARG A 22 -5.27 -8.15 -11.82
CA ARG A 22 -4.08 -8.99 -11.95
C ARG A 22 -2.93 -8.44 -11.12
N SER A 23 -2.90 -8.80 -9.85
CA SER A 23 -1.85 -8.35 -8.94
C SER A 23 -1.78 -9.23 -7.70
N LEU A 24 -0.56 -9.45 -7.21
CA LEU A 24 -0.36 -10.27 -6.03
C LEU A 24 -1.17 -9.75 -4.85
N CYS A 25 -1.13 -8.44 -4.64
CA CYS A 25 -1.87 -7.82 -3.55
C CYS A 25 -2.42 -6.45 -3.97
N ALA A 26 -3.15 -5.81 -3.07
CA ALA A 26 -3.73 -4.50 -3.35
C ALA A 26 -3.39 -3.51 -2.25
N CYS A 27 -2.95 -2.32 -2.64
CA CYS A 27 -2.59 -1.28 -1.69
C CYS A 27 -3.74 -0.30 -1.48
N SER A 28 -4.95 -0.83 -1.38
CA SER A 28 -6.13 0.00 -1.19
C SER A 28 -6.93 -0.46 0.03
N ASP A 29 -7.82 0.41 0.51
CA ASP A 29 -8.64 0.10 1.67
C ASP A 29 -9.45 -1.18 1.44
N ASP A 30 -10.05 -1.28 0.26
CA ASP A 30 -10.85 -2.44 -0.09
C ASP A 30 -10.17 -3.74 0.36
N CYS A 31 -8.87 -3.84 0.09
CA CYS A 31 -8.10 -5.01 0.47
C CYS A 31 -8.49 -5.49 1.87
N LYS A 32 -8.72 -4.54 2.77
CA LYS A 32 -9.10 -4.86 4.14
C LYS A 32 -10.32 -5.78 4.17
N ASP A 33 -11.33 -5.43 3.39
CA ASP A 33 -12.55 -6.23 3.33
C ASP A 33 -12.27 -7.60 2.75
N GLN A 34 -11.83 -7.62 1.49
CA GLN A 34 -11.53 -8.88 0.82
C GLN A 34 -10.49 -9.68 1.60
N GLY A 35 -9.30 -9.12 1.75
CA GLY A 35 -8.24 -9.79 2.48
C GLY A 35 -7.03 -10.08 1.61
N ASP A 36 -6.64 -9.09 0.80
CA ASP A 36 -5.49 -9.25 -0.08
C ASP A 36 -4.55 -8.05 0.04
N CYS A 37 -4.33 -7.60 1.27
CA CYS A 37 -3.44 -6.47 1.53
C CYS A 37 -1.98 -6.90 1.51
N CYS A 38 -1.14 -6.06 0.90
CA CYS A 38 0.28 -6.36 0.80
C CYS A 38 0.90 -6.49 2.19
N ILE A 39 2.00 -7.24 2.27
CA ILE A 39 2.69 -7.44 3.53
C ILE A 39 3.10 -6.12 4.15
N ASN A 40 3.47 -5.16 3.30
CA ASN A 40 3.88 -3.84 3.77
C ASN A 40 2.82 -2.79 3.44
N TYR A 41 1.55 -3.16 3.59
CA TYR A 41 0.46 -2.25 3.30
C TYR A 41 0.22 -1.30 4.47
N SER A 42 -0.01 -1.87 5.65
CA SER A 42 -0.26 -1.07 6.84
C SER A 42 1.01 -0.34 7.29
N SER A 43 2.13 -1.06 7.24
CA SER A 43 3.42 -0.49 7.64
C SER A 43 3.66 0.84 6.94
N VAL A 44 3.33 0.90 5.65
CA VAL A 44 3.51 2.11 4.87
C VAL A 44 2.29 3.02 4.98
N CYS A 45 1.12 2.47 4.70
CA CYS A 45 -0.12 3.22 4.76
C CYS A 45 -0.43 3.63 6.20
N GLN A 46 -0.64 2.65 7.07
CA GLN A 46 -0.95 2.91 8.47
C GLN A 46 0.33 2.94 9.31
N GLY A 47 1.03 4.08 9.28
CA GLY A 47 2.25 4.21 10.04
C GLY A 47 3.18 5.27 9.46
N GLU A 48 3.05 6.50 9.97
CA GLU A 48 3.87 7.61 9.51
C GLU A 48 5.11 7.77 10.38
N LYS A 49 6.25 7.95 9.73
CA LYS A 49 7.52 8.13 10.44
C LYS A 49 7.94 9.59 10.46
N SER A 50 7.58 10.30 11.52
CA SER A 50 7.93 11.71 11.65
C SER A 50 8.66 11.97 12.97
N SER A 51 9.98 11.83 12.94
CA SER A 51 10.79 12.04 14.14
C SER A 51 11.66 13.29 13.98
N GLY A 52 11.10 14.44 14.34
CA GLY A 52 11.84 15.68 14.24
C GLY A 52 11.08 16.85 14.83
N PRO A 53 11.83 17.81 15.42
CA PRO A 53 11.25 19.00 16.04
C PRO A 53 10.66 19.96 15.02
N SER A 54 11.45 20.28 14.00
CA SER A 54 11.01 21.19 12.95
C SER A 54 10.27 20.44 11.85
N SER A 55 9.61 21.19 10.97
CA SER A 55 8.86 20.59 9.86
C SER A 55 9.32 21.15 8.53
N GLY A 56 8.76 20.62 7.44
CA GLY A 56 9.12 21.09 6.12
C GLY A 56 8.34 20.38 5.03
N GLY A 1 15.24 -0.71 -14.75
CA GLY A 1 14.05 -1.41 -14.32
C GLY A 1 13.84 -1.34 -12.82
N SER A 2 12.85 -0.56 -12.40
CA SER A 2 12.54 -0.41 -10.98
C SER A 2 11.81 -1.63 -10.44
N SER A 3 12.58 -2.67 -10.11
CA SER A 3 12.01 -3.90 -9.59
C SER A 3 10.82 -4.35 -10.44
N GLY A 4 10.99 -4.32 -11.76
CA GLY A 4 9.93 -4.73 -12.65
C GLY A 4 8.68 -3.88 -12.49
N SER A 5 7.55 -4.41 -12.95
CA SER A 5 6.28 -3.69 -12.85
C SER A 5 5.45 -4.19 -11.68
N SER A 6 5.80 -5.37 -11.17
CA SER A 6 5.10 -5.96 -10.05
C SER A 6 5.93 -5.88 -8.78
N GLY A 7 5.31 -6.18 -7.64
CA GLY A 7 6.01 -6.14 -6.37
C GLY A 7 5.10 -6.41 -5.20
N TRP A 8 5.66 -6.98 -4.13
CA TRP A 8 4.89 -7.29 -2.93
C TRP A 8 5.01 -6.18 -1.90
N THR A 9 4.97 -4.93 -2.36
CA THR A 9 5.07 -3.78 -1.48
C THR A 9 4.06 -2.71 -1.85
N CYS A 10 3.95 -1.69 -1.00
CA CYS A 10 3.01 -0.60 -1.24
C CYS A 10 3.73 0.76 -1.23
N ASN A 11 3.12 1.75 -1.87
CA ASN A 11 3.71 3.08 -1.95
C ASN A 11 2.71 4.13 -1.45
N LYS A 12 3.24 5.24 -0.94
CA LYS A 12 2.41 6.32 -0.44
C LYS A 12 1.25 6.62 -1.39
N PHE A 13 1.58 6.91 -2.64
CA PHE A 13 0.58 7.21 -3.64
C PHE A 13 -0.44 6.08 -3.74
N ARG A 14 0.05 4.85 -3.83
CA ARG A 14 -0.81 3.69 -3.93
C ARG A 14 -1.92 3.73 -2.87
N CYS A 15 -1.51 3.89 -1.62
CA CYS A 15 -2.46 3.95 -0.52
C CYS A 15 -3.67 4.79 -0.88
N GLY A 16 -4.81 4.12 -1.10
CA GLY A 16 -6.03 4.83 -1.46
C GLY A 16 -6.23 4.90 -2.96
N GLU A 17 -5.94 3.80 -3.64
CA GLU A 17 -6.10 3.74 -5.09
C GLU A 17 -7.19 2.74 -5.49
N LYS A 18 -7.54 2.74 -6.76
CA LYS A 18 -8.56 1.83 -7.27
C LYS A 18 -8.05 0.39 -7.28
N ARG A 19 -8.95 -0.55 -7.59
CA ARG A 19 -8.59 -1.96 -7.64
C ARG A 19 -7.70 -2.26 -8.84
N LEU A 20 -7.19 -3.48 -8.89
CA LEU A 20 -6.32 -3.90 -9.99
C LEU A 20 -6.55 -5.37 -10.33
N THR A 21 -6.51 -5.68 -11.63
CA THR A 21 -6.70 -7.05 -12.10
C THR A 21 -5.41 -7.84 -12.05
N ARG A 22 -4.36 -7.29 -12.66
CA ARG A 22 -3.05 -7.94 -12.70
C ARG A 22 -2.13 -7.36 -11.64
N SER A 23 -2.16 -7.94 -10.43
CA SER A 23 -1.34 -7.48 -9.34
C SER A 23 -1.21 -8.55 -8.26
N LEU A 24 -0.16 -8.47 -7.46
CA LEU A 24 0.07 -9.43 -6.39
C LEU A 24 -0.71 -9.05 -5.13
N CYS A 25 -0.64 -7.78 -4.77
CA CYS A 25 -1.35 -7.27 -3.59
C CYS A 25 -2.09 -5.98 -3.91
N ALA A 26 -2.94 -5.54 -2.98
CA ALA A 26 -3.70 -4.32 -3.16
C ALA A 26 -3.35 -3.30 -2.08
N CYS A 27 -3.20 -2.04 -2.49
CA CYS A 27 -2.87 -0.96 -1.56
C CYS A 27 -4.06 -0.03 -1.37
N SER A 28 -5.26 -0.61 -1.31
CA SER A 28 -6.48 0.17 -1.12
C SER A 28 -7.29 -0.37 0.05
N ASP A 29 -8.02 0.51 0.71
CA ASP A 29 -8.85 0.13 1.85
C ASP A 29 -9.62 -1.15 1.55
N ASP A 30 -10.23 -1.21 0.37
CA ASP A 30 -11.00 -2.37 -0.04
C ASP A 30 -10.28 -3.66 0.34
N CYS A 31 -8.95 -3.65 0.26
CA CYS A 31 -8.16 -4.82 0.59
C CYS A 31 -8.52 -5.35 1.98
N LYS A 32 -8.70 -4.43 2.93
CA LYS A 32 -9.05 -4.80 4.29
C LYS A 32 -10.21 -5.78 4.31
N ASP A 33 -11.21 -5.53 3.48
CA ASP A 33 -12.38 -6.40 3.39
C ASP A 33 -12.05 -7.68 2.62
N GLN A 34 -11.69 -7.53 1.35
CA GLN A 34 -11.34 -8.67 0.51
C GLN A 34 -10.32 -9.57 1.20
N GLY A 35 -9.16 -9.01 1.50
CA GLY A 35 -8.11 -9.77 2.15
C GLY A 35 -6.89 -9.96 1.28
N ASP A 36 -6.51 -8.90 0.56
CA ASP A 36 -5.35 -8.96 -0.32
C ASP A 36 -4.43 -7.76 -0.08
N CYS A 37 -4.26 -7.40 1.19
CA CYS A 37 -3.40 -6.28 1.55
C CYS A 37 -1.93 -6.68 1.54
N CYS A 38 -1.12 -5.92 0.83
CA CYS A 38 0.31 -6.19 0.75
C CYS A 38 0.86 -6.61 2.11
N ILE A 39 2.01 -7.27 2.10
CA ILE A 39 2.66 -7.72 3.32
C ILE A 39 2.96 -6.55 4.25
N ASN A 40 3.24 -5.39 3.65
CA ASN A 40 3.55 -4.20 4.42
C ASN A 40 2.62 -3.06 4.04
N TYR A 41 1.34 -3.36 3.89
CA TYR A 41 0.34 -2.36 3.54
C TYR A 41 0.07 -1.42 4.70
N SER A 42 -0.02 -1.98 5.90
CA SER A 42 -0.28 -1.18 7.10
C SER A 42 0.93 -0.34 7.46
N SER A 43 2.11 -0.92 7.29
CA SER A 43 3.36 -0.22 7.60
C SER A 43 3.57 0.97 6.67
N VAL A 44 3.26 0.77 5.39
CA VAL A 44 3.41 1.82 4.40
C VAL A 44 2.25 2.81 4.45
N CYS A 45 1.03 2.28 4.42
CA CYS A 45 -0.16 3.11 4.46
C CYS A 45 -0.48 3.54 5.90
N GLN A 46 -0.77 2.55 6.75
CA GLN A 46 -1.08 2.83 8.14
C GLN A 46 0.19 3.05 8.95
N GLY A 47 1.11 3.83 8.40
CA GLY A 47 2.37 4.11 9.08
C GLY A 47 2.18 5.05 10.25
N GLU A 48 2.70 4.67 11.41
CA GLU A 48 2.59 5.48 12.61
C GLU A 48 3.65 6.58 12.61
N LYS A 49 4.90 6.20 12.36
CA LYS A 49 6.01 7.15 12.34
C LYS A 49 6.42 7.47 10.91
N SER A 50 6.70 8.74 10.65
CA SER A 50 7.11 9.18 9.33
C SER A 50 8.46 8.58 8.94
N SER A 51 8.69 8.45 7.63
CA SER A 51 9.94 7.90 7.14
C SER A 51 11.07 8.91 7.23
N GLY A 52 11.92 8.74 8.24
CA GLY A 52 13.04 9.66 8.43
C GLY A 52 12.91 10.45 9.71
N PRO A 53 14.06 10.92 10.23
CA PRO A 53 14.11 11.71 11.47
C PRO A 53 13.53 13.10 11.29
N SER A 54 13.32 13.79 12.40
CA SER A 54 12.75 15.14 12.37
C SER A 54 13.27 15.92 11.15
N SER A 55 12.48 16.88 10.70
CA SER A 55 12.85 17.70 9.54
C SER A 55 13.19 19.11 9.96
N GLY A 56 12.30 19.73 10.74
CA GLY A 56 12.54 21.08 11.20
C GLY A 56 11.27 21.93 11.17
N GLY A 1 9.93 3.74 -8.51
CA GLY A 1 8.85 3.71 -9.48
C GLY A 1 9.35 3.59 -10.91
N SER A 2 10.11 2.54 -11.18
CA SER A 2 10.66 2.31 -12.51
C SER A 2 10.47 0.85 -12.93
N SER A 3 9.91 0.65 -14.11
CA SER A 3 9.67 -0.69 -14.63
C SER A 3 9.10 -1.60 -13.55
N GLY A 4 8.16 -1.06 -12.78
CA GLY A 4 7.54 -1.83 -11.71
C GLY A 4 6.13 -1.39 -11.42
N SER A 5 5.15 -2.19 -11.85
CA SER A 5 3.75 -1.86 -11.64
C SER A 5 3.14 -2.76 -10.56
N SER A 6 3.42 -4.05 -10.66
CA SER A 6 2.90 -5.02 -9.70
C SER A 6 3.98 -5.43 -8.71
N GLY A 7 3.56 -5.98 -7.56
CA GLY A 7 4.51 -6.42 -6.56
C GLY A 7 3.94 -6.35 -5.16
N TRP A 8 4.56 -7.07 -4.23
CA TRP A 8 4.11 -7.09 -2.84
C TRP A 8 4.61 -5.88 -2.08
N THR A 9 4.57 -4.71 -2.72
CA THR A 9 5.02 -3.48 -2.10
C THR A 9 4.06 -2.34 -2.37
N CYS A 10 3.91 -1.44 -1.40
CA CYS A 10 3.02 -0.31 -1.54
C CYS A 10 3.74 1.00 -1.21
N ASN A 11 3.19 2.12 -1.69
CA ASN A 11 3.78 3.42 -1.43
C ASN A 11 2.80 4.34 -0.71
N LYS A 12 3.34 5.32 0.01
CA LYS A 12 2.52 6.26 0.76
C LYS A 12 1.44 6.86 -0.14
N PHE A 13 1.85 7.45 -1.25
CA PHE A 13 0.91 8.06 -2.19
C PHE A 13 -0.03 7.02 -2.76
N ARG A 14 0.51 5.85 -3.10
CA ARG A 14 -0.29 4.77 -3.66
C ARG A 14 -1.55 4.52 -2.81
N CYS A 15 -1.36 4.42 -1.51
CA CYS A 15 -2.47 4.20 -0.60
C CYS A 15 -3.70 5.00 -1.01
N GLY A 16 -4.71 4.31 -1.53
CA GLY A 16 -5.92 4.98 -1.95
C GLY A 16 -6.08 4.99 -3.47
N GLU A 17 -5.83 3.84 -4.09
CA GLU A 17 -5.94 3.71 -5.53
C GLU A 17 -7.13 2.83 -5.91
N LYS A 18 -7.48 2.85 -7.18
CA LYS A 18 -8.61 2.05 -7.67
C LYS A 18 -8.17 1.14 -8.82
N ARG A 19 -6.86 0.95 -8.95
CA ARG A 19 -6.30 0.11 -10.00
C ARG A 19 -5.40 -0.97 -9.42
N LEU A 20 -4.84 -1.80 -10.29
CA LEU A 20 -3.95 -2.88 -9.86
C LEU A 20 -4.56 -3.64 -8.69
N THR A 21 -5.85 -3.93 -8.77
CA THR A 21 -6.54 -4.65 -7.71
C THR A 21 -6.33 -6.15 -7.85
N ARG A 22 -6.43 -6.65 -9.07
CA ARG A 22 -6.25 -8.07 -9.33
C ARG A 22 -4.85 -8.53 -8.92
N SER A 23 -3.86 -7.67 -9.15
CA SER A 23 -2.49 -7.98 -8.80
C SER A 23 -2.40 -8.71 -7.47
N LEU A 24 -1.29 -9.42 -7.25
CA LEU A 24 -1.10 -10.16 -6.02
C LEU A 24 -1.73 -9.45 -4.83
N CYS A 25 -1.49 -8.14 -4.73
CA CYS A 25 -2.05 -7.34 -3.65
C CYS A 25 -2.50 -5.97 -4.16
N ALA A 26 -3.18 -5.23 -3.30
CA ALA A 26 -3.66 -3.89 -3.66
C ALA A 26 -3.24 -2.85 -2.63
N CYS A 27 -3.11 -1.61 -3.06
CA CYS A 27 -2.71 -0.53 -2.18
C CYS A 27 -3.86 0.46 -1.96
N SER A 28 -5.05 -0.08 -1.71
CA SER A 28 -6.23 0.75 -1.49
C SER A 28 -6.92 0.37 -0.18
N ASP A 29 -7.74 1.29 0.32
CA ASP A 29 -8.47 1.06 1.57
C ASP A 29 -9.69 0.19 1.34
N ASP A 30 -9.52 -0.88 0.55
CA ASP A 30 -10.61 -1.79 0.26
C ASP A 30 -10.18 -3.24 0.46
N CYS A 31 -8.94 -3.55 0.10
CA CYS A 31 -8.40 -4.89 0.25
C CYS A 31 -8.70 -5.44 1.64
N LYS A 32 -8.60 -4.58 2.64
CA LYS A 32 -8.85 -4.97 4.02
C LYS A 32 -10.11 -5.84 4.12
N ASP A 33 -11.14 -5.45 3.40
CA ASP A 33 -12.40 -6.20 3.39
C ASP A 33 -12.21 -7.58 2.81
N GLN A 34 -11.82 -7.65 1.54
CA GLN A 34 -11.60 -8.92 0.87
C GLN A 34 -10.51 -9.73 1.56
N GLY A 35 -9.29 -9.17 1.58
CA GLY A 35 -8.19 -9.85 2.21
C GLY A 35 -7.03 -10.08 1.27
N ASP A 36 -6.71 -9.07 0.47
CA ASP A 36 -5.62 -9.17 -0.50
C ASP A 36 -4.70 -7.95 -0.39
N CYS A 37 -4.34 -7.60 0.84
CA CYS A 37 -3.46 -6.46 1.08
C CYS A 37 -1.99 -6.86 1.00
N CYS A 38 -1.17 -6.00 0.42
CA CYS A 38 0.26 -6.28 0.30
C CYS A 38 0.86 -6.69 1.63
N ILE A 39 2.09 -7.19 1.60
CA ILE A 39 2.78 -7.62 2.80
C ILE A 39 3.14 -6.43 3.69
N ASN A 40 3.31 -5.27 3.07
CA ASN A 40 3.66 -4.05 3.80
C ASN A 40 2.68 -2.92 3.46
N TYR A 41 1.41 -3.15 3.76
CA TYR A 41 0.38 -2.14 3.49
C TYR A 41 0.11 -1.29 4.72
N SER A 42 0.01 -1.94 5.88
CA SER A 42 -0.24 -1.23 7.13
C SER A 42 0.99 -0.44 7.56
N SER A 43 2.16 -0.97 7.27
CA SER A 43 3.42 -0.31 7.63
C SER A 43 3.64 0.93 6.78
N VAL A 44 3.31 0.84 5.50
CA VAL A 44 3.48 1.95 4.58
C VAL A 44 2.31 2.92 4.69
N CYS A 45 1.10 2.39 4.58
CA CYS A 45 -0.11 3.22 4.66
C CYS A 45 -0.42 3.57 6.12
N GLN A 46 -0.73 2.53 6.90
CA GLN A 46 -1.06 2.74 8.31
C GLN A 46 0.20 2.91 9.15
N GLY A 47 1.13 3.72 8.64
CA GLY A 47 2.38 3.95 9.35
C GLY A 47 2.23 5.00 10.43
N GLU A 48 3.23 5.89 10.53
CA GLU A 48 3.21 6.95 11.53
C GLU A 48 2.77 8.27 10.92
N LYS A 49 1.47 8.54 10.98
CA LYS A 49 0.92 9.77 10.42
C LYS A 49 0.73 10.82 11.52
N SER A 50 1.81 11.52 11.84
CA SER A 50 1.77 12.55 12.88
C SER A 50 3.11 13.28 12.97
N SER A 51 3.15 14.51 12.46
CA SER A 51 4.37 15.30 12.49
C SER A 51 4.17 16.57 13.32
N GLY A 52 3.50 16.43 14.46
CA GLY A 52 3.26 17.56 15.32
C GLY A 52 1.79 17.86 15.48
N PRO A 53 1.08 17.03 16.26
CA PRO A 53 -0.35 17.19 16.51
C PRO A 53 -0.66 18.41 17.37
N SER A 54 0.04 18.52 18.50
CA SER A 54 -0.16 19.63 19.42
C SER A 54 1.01 19.76 20.38
N SER A 55 1.31 20.98 20.79
CA SER A 55 2.41 21.24 21.71
C SER A 55 2.02 20.84 23.14
N GLY A 56 3.02 20.76 24.01
CA GLY A 56 2.77 20.40 25.39
C GLY A 56 2.31 18.96 25.53
N GLY A 1 17.60 -7.24 -12.37
CA GLY A 1 17.83 -6.29 -11.30
C GLY A 1 17.37 -6.81 -9.96
N SER A 2 18.08 -6.42 -8.90
CA SER A 2 17.74 -6.87 -7.55
C SER A 2 16.90 -5.82 -6.83
N SER A 3 17.36 -4.57 -6.88
CA SER A 3 16.64 -3.47 -6.23
C SER A 3 15.42 -3.05 -7.04
N GLY A 4 14.33 -3.77 -6.86
CA GLY A 4 13.10 -3.46 -7.59
C GLY A 4 12.23 -2.47 -6.85
N SER A 5 12.03 -1.30 -7.44
CA SER A 5 11.21 -0.26 -6.83
C SER A 5 9.89 -0.84 -6.31
N SER A 6 9.13 -1.44 -7.21
CA SER A 6 7.85 -2.03 -6.84
C SER A 6 7.97 -3.54 -6.68
N GLY A 7 6.90 -4.18 -6.22
CA GLY A 7 6.92 -5.61 -6.01
C GLY A 7 6.43 -6.02 -4.64
N TRP A 8 5.22 -6.56 -4.58
CA TRP A 8 4.63 -6.99 -3.31
C TRP A 8 4.88 -5.94 -2.22
N THR A 9 4.67 -4.68 -2.56
CA THR A 9 4.86 -3.59 -1.62
C THR A 9 3.96 -2.40 -1.95
N CYS A 10 3.52 -1.69 -0.92
CA CYS A 10 2.66 -0.53 -1.10
C CYS A 10 3.46 0.77 -1.01
N ASN A 11 3.00 1.80 -1.73
CA ASN A 11 3.67 3.09 -1.72
C ASN A 11 2.76 4.18 -1.17
N LYS A 12 3.36 5.30 -0.81
CA LYS A 12 2.60 6.43 -0.26
C LYS A 12 1.45 6.80 -1.19
N PHE A 13 1.74 6.89 -2.49
CA PHE A 13 0.73 7.24 -3.48
C PHE A 13 -0.34 6.17 -3.56
N ARG A 14 0.06 4.93 -3.83
CA ARG A 14 -0.87 3.82 -3.93
C ARG A 14 -1.88 3.85 -2.80
N CYS A 15 -1.39 4.00 -1.57
CA CYS A 15 -2.25 4.04 -0.40
C CYS A 15 -3.56 4.76 -0.70
N GLY A 16 -4.61 3.99 -0.92
CA GLY A 16 -5.91 4.58 -1.22
C GLY A 16 -6.11 4.81 -2.71
N GLU A 17 -5.84 3.79 -3.50
CA GLU A 17 -5.98 3.88 -4.95
C GLU A 17 -7.19 3.08 -5.43
N LYS A 18 -7.62 3.33 -6.66
CA LYS A 18 -8.76 2.64 -7.24
C LYS A 18 -8.44 2.14 -8.65
N ARG A 19 -9.44 1.58 -9.32
CA ARG A 19 -9.26 1.06 -10.66
C ARG A 19 -7.87 0.44 -10.84
N LEU A 20 -7.47 -0.37 -9.87
CA LEU A 20 -6.16 -1.02 -9.91
C LEU A 20 -6.29 -2.48 -10.33
N THR A 21 -6.72 -2.70 -11.56
CA THR A 21 -6.89 -4.06 -12.08
C THR A 21 -5.58 -4.83 -12.04
N ARG A 22 -4.54 -4.26 -12.67
CA ARG A 22 -3.23 -4.90 -12.70
C ARG A 22 -2.38 -4.46 -11.51
N SER A 23 -2.36 -5.29 -10.47
CA SER A 23 -1.59 -4.99 -9.27
C SER A 23 -1.45 -6.23 -8.39
N LEU A 24 -0.20 -6.64 -8.16
CA LEU A 24 0.08 -7.82 -7.34
C LEU A 24 -0.74 -7.79 -6.06
N CYS A 25 -0.70 -6.65 -5.36
CA CYS A 25 -1.44 -6.50 -4.11
C CYS A 25 -2.36 -5.29 -4.18
N ALA A 26 -3.38 -5.28 -3.33
CA ALA A 26 -4.34 -4.18 -3.28
C ALA A 26 -3.95 -3.16 -2.22
N CYS A 27 -3.50 -2.00 -2.67
CA CYS A 27 -3.09 -0.93 -1.75
C CYS A 27 -4.25 0.02 -1.48
N SER A 28 -5.45 -0.54 -1.33
CA SER A 28 -6.64 0.26 -1.07
C SER A 28 -7.34 -0.22 0.20
N ASP A 29 -8.43 0.47 0.56
CA ASP A 29 -9.18 0.12 1.76
C ASP A 29 -9.95 -1.18 1.56
N ASP A 30 -10.65 -1.29 0.44
CA ASP A 30 -11.42 -2.48 0.13
C ASP A 30 -10.64 -3.75 0.48
N CYS A 31 -9.36 -3.74 0.14
CA CYS A 31 -8.49 -4.89 0.41
C CYS A 31 -8.78 -5.47 1.80
N LYS A 32 -9.01 -4.59 2.76
CA LYS A 32 -9.29 -5.02 4.13
C LYS A 32 -10.44 -6.01 4.16
N ASP A 33 -11.49 -5.72 3.40
CA ASP A 33 -12.66 -6.60 3.34
C ASP A 33 -12.32 -7.89 2.60
N GLN A 34 -11.97 -7.76 1.33
CA GLN A 34 -11.63 -8.92 0.50
C GLN A 34 -10.52 -9.74 1.16
N GLY A 35 -9.36 -9.13 1.31
CA GLY A 35 -8.23 -9.83 1.92
C GLY A 35 -7.03 -9.93 0.99
N ASP A 36 -6.77 -8.86 0.25
CA ASP A 36 -5.64 -8.83 -0.68
C ASP A 36 -4.75 -7.63 -0.42
N CYS A 37 -4.52 -7.34 0.87
CA CYS A 37 -3.68 -6.21 1.26
C CYS A 37 -2.20 -6.59 1.22
N CYS A 38 -1.38 -5.73 0.62
CA CYS A 38 0.05 -5.97 0.53
C CYS A 38 0.61 -6.46 1.85
N ILE A 39 1.86 -6.91 1.83
CA ILE A 39 2.52 -7.40 3.03
C ILE A 39 2.76 -6.28 4.04
N ASN A 40 3.25 -5.15 3.55
CA ASN A 40 3.52 -4.00 4.40
C ASN A 40 2.57 -2.84 4.07
N TYR A 41 1.29 -3.15 3.98
CA TYR A 41 0.29 -2.14 3.67
C TYR A 41 0.23 -1.07 4.75
N SER A 42 0.03 -1.51 5.99
CA SER A 42 -0.05 -0.59 7.13
C SER A 42 1.32 0.01 7.43
N SER A 43 2.35 -0.83 7.38
CA SER A 43 3.72 -0.40 7.66
C SER A 43 4.08 0.81 6.80
N VAL A 44 3.65 0.78 5.54
CA VAL A 44 3.93 1.87 4.61
C VAL A 44 2.85 2.96 4.69
N CYS A 45 1.60 2.54 4.56
CA CYS A 45 0.48 3.47 4.61
C CYS A 45 0.25 3.98 6.04
N GLN A 46 -0.08 3.07 6.95
CA GLN A 46 -0.32 3.43 8.34
C GLN A 46 0.99 3.81 9.03
N GLY A 47 1.39 5.07 8.88
CA GLY A 47 2.61 5.53 9.49
C GLY A 47 2.98 6.94 9.05
N GLU A 48 3.88 7.04 8.08
CA GLU A 48 4.33 8.33 7.58
C GLU A 48 4.63 9.29 8.73
N LYS A 49 5.36 8.80 9.72
CA LYS A 49 5.73 9.60 10.87
C LYS A 49 7.25 9.66 11.05
N SER A 50 7.72 10.69 11.74
CA SER A 50 9.15 10.87 11.97
C SER A 50 9.54 10.36 13.35
N SER A 51 8.97 9.22 13.74
CA SER A 51 9.26 8.64 15.04
C SER A 51 9.51 7.13 14.92
N GLY A 52 10.61 6.68 15.52
CA GLY A 52 10.94 5.27 15.46
C GLY A 52 12.35 4.99 15.96
N PRO A 53 12.54 3.82 16.59
CA PRO A 53 13.85 3.41 17.13
C PRO A 53 14.84 3.08 16.02
N SER A 54 14.41 3.25 14.77
CA SER A 54 15.27 2.96 13.63
C SER A 54 16.72 3.32 13.92
N SER A 55 16.93 4.52 14.45
CA SER A 55 18.27 4.99 14.79
C SER A 55 19.08 5.25 13.52
N GLY A 56 18.45 5.87 12.53
CA GLY A 56 19.13 6.17 11.28
C GLY A 56 18.97 7.62 10.87
N GLY A 1 20.69 -5.04 1.62
CA GLY A 1 19.51 -4.29 1.23
C GLY A 1 18.62 -3.95 2.42
N SER A 2 17.81 -2.92 2.26
CA SER A 2 16.90 -2.48 3.32
C SER A 2 15.81 -3.52 3.56
N SER A 3 15.25 -4.04 2.48
CA SER A 3 14.19 -5.03 2.58
C SER A 3 13.85 -5.60 1.20
N GLY A 4 13.92 -6.93 1.07
CA GLY A 4 13.62 -7.57 -0.19
C GLY A 4 12.22 -7.26 -0.67
N SER A 5 12.11 -6.81 -1.92
CA SER A 5 10.81 -6.47 -2.50
C SER A 5 10.45 -7.45 -3.61
N SER A 6 9.96 -8.62 -3.21
CA SER A 6 9.57 -9.65 -4.17
C SER A 6 8.13 -9.45 -4.64
N GLY A 7 7.78 -8.19 -4.89
CA GLY A 7 6.44 -7.88 -5.35
C GLY A 7 5.41 -8.00 -4.24
N TRP A 8 5.83 -7.72 -3.01
CA TRP A 8 4.93 -7.81 -1.87
C TRP A 8 5.06 -6.57 -0.98
N THR A 9 4.77 -5.40 -1.55
CA THR A 9 4.85 -4.14 -0.82
C THR A 9 3.95 -3.08 -1.43
N CYS A 10 3.81 -1.96 -0.74
CA CYS A 10 2.97 -0.87 -1.21
C CYS A 10 3.68 0.47 -1.05
N ASN A 11 3.66 1.29 -2.10
CA ASN A 11 4.30 2.59 -2.06
C ASN A 11 3.29 3.68 -1.70
N LYS A 12 3.80 4.84 -1.29
CA LYS A 12 2.95 5.95 -0.91
C LYS A 12 1.76 6.09 -1.86
N PHE A 13 2.05 6.30 -3.14
CA PHE A 13 1.02 6.44 -4.16
C PHE A 13 0.11 5.20 -4.18
N ARG A 14 0.74 4.03 -4.24
CA ARG A 14 -0.01 2.78 -4.28
C ARG A 14 -1.11 2.77 -3.21
N CYS A 15 -0.72 3.04 -1.97
CA CYS A 15 -1.67 3.06 -0.86
C CYS A 15 -2.90 3.89 -1.22
N GLY A 16 -3.90 3.23 -1.79
CA GLY A 16 -5.12 3.91 -2.16
C GLY A 16 -5.25 4.09 -3.67
N GLU A 17 -4.87 3.06 -4.42
CA GLU A 17 -4.94 3.10 -5.87
C GLU A 17 -6.14 2.31 -6.38
N LYS A 18 -6.71 2.76 -7.49
CA LYS A 18 -7.86 2.09 -8.10
C LYS A 18 -7.45 1.31 -9.35
N ARG A 19 -6.32 0.63 -9.27
CA ARG A 19 -5.82 -0.15 -10.39
C ARG A 19 -4.71 -1.10 -9.95
N LEU A 20 -4.47 -2.13 -10.74
CA LEU A 20 -3.44 -3.12 -10.43
C LEU A 20 -3.02 -3.89 -11.68
N THR A 21 -1.76 -3.72 -12.08
CA THR A 21 -1.23 -4.40 -13.25
C THR A 21 -0.73 -5.79 -12.90
N ARG A 22 -1.63 -6.75 -12.86
CA ARG A 22 -1.27 -8.13 -12.53
C ARG A 22 -0.47 -8.20 -11.22
N SER A 23 -0.89 -7.40 -10.25
CA SER A 23 -0.22 -7.36 -8.96
C SER A 23 -0.58 -8.59 -8.12
N LEU A 24 0.32 -8.97 -7.22
CA LEU A 24 0.10 -10.12 -6.36
C LEU A 24 -0.94 -9.80 -5.29
N CYS A 25 -0.79 -8.65 -4.64
CA CYS A 25 -1.72 -8.24 -3.60
C CYS A 25 -2.43 -6.95 -3.99
N ALA A 26 -3.23 -6.42 -3.07
CA ALA A 26 -3.96 -5.18 -3.32
C ALA A 26 -3.44 -4.05 -2.44
N CYS A 27 -3.08 -2.93 -3.09
CA CYS A 27 -2.55 -1.78 -2.38
C CYS A 27 -3.59 -0.66 -2.34
N SER A 28 -4.84 -1.03 -2.10
CA SER A 28 -5.93 -0.05 -2.03
C SER A 28 -6.72 -0.21 -0.74
N ASP A 29 -7.72 0.64 -0.56
CA ASP A 29 -8.56 0.60 0.64
C ASP A 29 -9.41 -0.66 0.66
N ASP A 30 -9.66 -1.22 -0.52
CA ASP A 30 -10.47 -2.43 -0.64
C ASP A 30 -9.61 -3.67 -0.42
N CYS A 31 -8.64 -3.57 0.48
CA CYS A 31 -7.75 -4.69 0.77
C CYS A 31 -8.14 -5.37 2.07
N LYS A 32 -8.68 -4.59 3.01
CA LYS A 32 -9.11 -5.12 4.30
C LYS A 32 -10.37 -5.94 4.16
N ASP A 33 -11.33 -5.43 3.40
CA ASP A 33 -12.60 -6.13 3.18
C ASP A 33 -12.37 -7.47 2.51
N GLN A 34 -11.57 -7.47 1.45
CA GLN A 34 -11.26 -8.69 0.72
C GLN A 34 -10.24 -9.53 1.46
N GLY A 35 -9.19 -8.89 1.95
CA GLY A 35 -8.15 -9.59 2.68
C GLY A 35 -6.91 -9.84 1.84
N ASP A 36 -6.52 -8.82 1.07
CA ASP A 36 -5.33 -8.94 0.21
C ASP A 36 -4.39 -7.77 0.44
N CYS A 37 -4.30 -7.32 1.70
CA CYS A 37 -3.43 -6.20 2.05
C CYS A 37 -1.97 -6.64 2.07
N CYS A 38 -1.19 -6.15 1.10
CA CYS A 38 0.22 -6.49 1.00
C CYS A 38 0.86 -6.51 2.38
N ILE A 39 1.78 -7.45 2.58
CA ILE A 39 2.48 -7.57 3.85
C ILE A 39 2.93 -6.20 4.37
N ASN A 40 3.31 -5.33 3.46
CA ASN A 40 3.76 -3.99 3.82
C ASN A 40 2.71 -2.94 3.46
N TYR A 41 1.45 -3.27 3.73
CA TYR A 41 0.35 -2.36 3.43
C TYR A 41 0.06 -1.45 4.62
N SER A 42 -0.06 -2.04 5.80
CA SER A 42 -0.33 -1.29 7.02
C SER A 42 0.89 -0.47 7.43
N SER A 43 2.06 -1.00 7.17
CA SER A 43 3.31 -0.33 7.52
C SER A 43 3.50 0.94 6.69
N VAL A 44 3.18 0.84 5.40
CA VAL A 44 3.32 1.98 4.49
C VAL A 44 2.08 2.87 4.53
N CYS A 45 0.91 2.25 4.36
CA CYS A 45 -0.35 2.98 4.38
C CYS A 45 -0.67 3.48 5.79
N GLN A 46 -0.41 2.63 6.79
CA GLN A 46 -0.67 2.99 8.18
C GLN A 46 0.62 2.97 8.99
N GLY A 47 0.50 3.18 10.30
CA GLY A 47 1.65 3.17 11.16
C GLY A 47 1.30 3.42 12.62
N GLU A 48 2.26 3.92 13.39
CA GLU A 48 2.04 4.21 14.80
C GLU A 48 2.01 5.71 15.06
N LYS A 49 2.96 6.42 14.46
CA LYS A 49 3.05 7.87 14.62
C LYS A 49 1.71 8.53 14.31
N SER A 50 1.41 9.61 15.02
CA SER A 50 0.16 10.34 14.81
C SER A 50 -0.15 10.49 13.34
N SER A 51 0.75 11.17 12.61
CA SER A 51 0.57 11.38 11.18
C SER A 51 0.02 10.14 10.51
N GLY A 52 -0.89 10.34 9.55
CA GLY A 52 -1.48 9.23 8.85
C GLY A 52 -2.96 9.07 9.14
N PRO A 53 -3.29 8.21 10.12
CA PRO A 53 -4.67 7.95 10.52
C PRO A 53 -5.31 9.15 11.22
N SER A 54 -5.85 10.07 10.45
CA SER A 54 -6.49 11.26 11.00
C SER A 54 -7.31 11.99 9.94
N SER A 55 -8.19 12.88 10.38
CA SER A 55 -9.04 13.64 9.48
C SER A 55 -8.75 15.14 9.58
N GLY A 56 -8.20 15.70 8.52
CA GLY A 56 -7.88 17.12 8.51
C GLY A 56 -8.92 17.94 7.76
N GLY A 1 20.97 3.24 -10.10
CA GLY A 1 19.85 3.01 -9.19
C GLY A 1 18.53 3.44 -9.79
N SER A 2 17.52 2.59 -9.64
CA SER A 2 16.19 2.88 -10.17
C SER A 2 15.10 2.43 -9.20
N SER A 3 14.03 3.22 -9.12
CA SER A 3 12.92 2.90 -8.24
C SER A 3 11.97 1.91 -8.88
N GLY A 4 11.18 1.21 -8.05
CA GLY A 4 10.23 0.24 -8.56
C GLY A 4 9.75 -0.71 -7.49
N SER A 5 8.49 -1.12 -7.59
CA SER A 5 7.90 -2.04 -6.62
C SER A 5 7.91 -3.46 -7.14
N SER A 6 8.48 -4.37 -6.35
CA SER A 6 8.57 -5.78 -6.74
C SER A 6 7.19 -6.33 -7.08
N GLY A 7 6.21 -6.00 -6.25
CA GLY A 7 4.85 -6.47 -6.48
C GLY A 7 4.06 -6.61 -5.19
N TRP A 8 4.70 -7.12 -4.16
CA TRP A 8 4.06 -7.31 -2.87
C TRP A 8 4.43 -6.19 -1.90
N THR A 9 4.51 -4.97 -2.41
CA THR A 9 4.85 -3.82 -1.60
C THR A 9 4.02 -2.60 -1.98
N CYS A 10 3.58 -1.85 -0.97
CA CYS A 10 2.76 -0.66 -1.20
C CYS A 10 3.58 0.60 -0.97
N ASN A 11 3.37 1.60 -1.82
CA ASN A 11 4.10 2.87 -1.72
C ASN A 11 3.20 3.95 -1.10
N LYS A 12 3.83 5.00 -0.60
CA LYS A 12 3.10 6.11 0.00
C LYS A 12 1.96 6.57 -0.90
N PHE A 13 2.30 7.07 -2.08
CA PHE A 13 1.31 7.54 -3.03
C PHE A 13 0.33 6.43 -3.39
N ARG A 14 0.84 5.23 -3.59
CA ARG A 14 0.02 4.08 -3.94
C ARG A 14 -1.20 4.00 -3.03
N CYS A 15 -0.96 4.01 -1.72
CA CYS A 15 -2.04 3.94 -0.74
C CYS A 15 -3.18 4.89 -1.11
N GLY A 16 -4.27 4.31 -1.61
CA GLY A 16 -5.42 5.12 -2.00
C GLY A 16 -5.46 5.39 -3.48
N GLU A 17 -5.20 4.35 -4.27
CA GLU A 17 -5.20 4.48 -5.73
C GLU A 17 -6.48 3.89 -6.32
N LYS A 18 -6.72 4.19 -7.60
CA LYS A 18 -7.90 3.68 -8.28
C LYS A 18 -7.83 2.16 -8.46
N ARG A 19 -8.93 1.57 -8.92
CA ARG A 19 -8.99 0.13 -9.13
C ARG A 19 -7.66 -0.39 -9.66
N LEU A 20 -7.10 -1.38 -8.97
CA LEU A 20 -5.83 -1.97 -9.37
C LEU A 20 -5.98 -2.72 -10.69
N THR A 21 -4.86 -2.91 -11.39
CA THR A 21 -4.86 -3.61 -12.66
C THR A 21 -3.73 -4.64 -12.73
N ARG A 22 -4.09 -5.91 -12.58
CA ARG A 22 -3.10 -6.99 -12.62
C ARG A 22 -2.04 -6.79 -11.54
N SER A 23 -2.47 -6.39 -10.35
CA SER A 23 -1.55 -6.16 -9.24
C SER A 23 -1.71 -7.24 -8.17
N LEU A 24 -0.60 -7.87 -7.81
CA LEU A 24 -0.62 -8.92 -6.80
C LEU A 24 -1.46 -8.50 -5.59
N CYS A 25 -1.13 -7.34 -5.03
CA CYS A 25 -1.85 -6.82 -3.87
C CYS A 25 -2.60 -5.54 -4.22
N ALA A 26 -3.46 -5.09 -3.31
CA ALA A 26 -4.22 -3.87 -3.52
C ALA A 26 -3.90 -2.82 -2.47
N CYS A 27 -3.34 -1.71 -2.92
CA CYS A 27 -2.97 -0.62 -2.02
C CYS A 27 -4.12 0.38 -1.87
N SER A 28 -5.33 -0.13 -1.75
CA SER A 28 -6.51 0.72 -1.61
C SER A 28 -7.25 0.41 -0.31
N ASP A 29 -8.16 1.30 0.06
CA ASP A 29 -8.94 1.13 1.28
C ASP A 29 -10.10 0.16 1.05
N ASP A 30 -9.83 -0.93 0.35
CA ASP A 30 -10.85 -1.93 0.06
C ASP A 30 -10.32 -3.34 0.34
N CYS A 31 -9.04 -3.54 0.11
CA CYS A 31 -8.40 -4.84 0.33
C CYS A 31 -8.74 -5.36 1.73
N LYS A 32 -8.64 -4.48 2.73
CA LYS A 32 -8.93 -4.87 4.11
C LYS A 32 -10.16 -5.75 4.18
N ASP A 33 -11.17 -5.43 3.38
CA ASP A 33 -12.40 -6.20 3.36
C ASP A 33 -12.17 -7.58 2.76
N GLN A 34 -11.51 -7.62 1.60
CA GLN A 34 -11.22 -8.88 0.93
C GLN A 34 -10.16 -9.67 1.68
N GLY A 35 -8.94 -9.12 1.72
CA GLY A 35 -7.85 -9.78 2.40
C GLY A 35 -6.68 -10.07 1.49
N ASP A 36 -6.32 -9.09 0.66
CA ASP A 36 -5.21 -9.24 -0.27
C ASP A 36 -4.31 -8.00 -0.24
N CYS A 37 -4.03 -7.51 0.96
CA CYS A 37 -3.18 -6.33 1.13
C CYS A 37 -1.72 -6.74 1.24
N CYS A 38 -0.85 -6.03 0.51
CA CYS A 38 0.58 -6.32 0.53
C CYS A 38 1.04 -6.64 1.94
N ILE A 39 2.17 -7.34 2.04
CA ILE A 39 2.73 -7.71 3.33
C ILE A 39 3.07 -6.47 4.16
N ASN A 40 3.29 -5.36 3.47
CA ASN A 40 3.63 -4.10 4.14
C ASN A 40 2.66 -2.99 3.74
N TYR A 41 1.38 -3.32 3.75
CA TYR A 41 0.34 -2.35 3.39
C TYR A 41 0.12 -1.36 4.52
N SER A 42 -0.14 -1.87 5.72
CA SER A 42 -0.36 -1.02 6.89
C SER A 42 0.92 -0.35 7.34
N SER A 43 2.04 -1.07 7.20
CA SER A 43 3.34 -0.55 7.60
C SER A 43 3.65 0.75 6.85
N VAL A 44 3.23 0.81 5.60
CA VAL A 44 3.47 2.00 4.78
C VAL A 44 2.27 2.93 4.79
N CYS A 45 1.10 2.39 4.50
CA CYS A 45 -0.13 3.17 4.48
C CYS A 45 -0.40 3.79 5.86
N GLN A 46 -0.20 2.99 6.91
CA GLN A 46 -0.42 3.46 8.26
C GLN A 46 0.83 3.28 9.12
N GLY A 47 0.71 3.56 10.41
CA GLY A 47 1.84 3.42 11.31
C GLY A 47 1.55 3.96 12.70
N GLU A 48 2.60 4.41 13.39
CA GLU A 48 2.45 4.94 14.73
C GLU A 48 2.17 6.44 14.69
N LYS A 49 0.93 6.83 15.03
CA LYS A 49 0.55 8.23 15.03
C LYS A 49 -0.46 8.51 16.14
N SER A 50 -0.85 9.77 16.28
CA SER A 50 -1.80 10.17 17.31
C SER A 50 -3.05 10.78 16.68
N SER A 51 -4.19 10.62 17.35
CA SER A 51 -5.45 11.15 16.86
C SER A 51 -5.59 10.90 15.36
N GLY A 52 -5.22 9.71 14.93
CA GLY A 52 -5.31 9.38 13.51
C GLY A 52 -4.93 10.52 12.61
N PRO A 53 -5.41 10.49 11.36
CA PRO A 53 -5.13 11.53 10.37
C PRO A 53 -5.83 12.85 10.70
N SER A 54 -5.15 13.70 11.47
CA SER A 54 -5.72 14.99 11.86
C SER A 54 -5.01 16.13 11.14
N SER A 55 -3.68 16.12 11.19
CA SER A 55 -2.88 17.16 10.54
C SER A 55 -2.21 16.62 9.28
N GLY A 56 -1.42 15.56 9.46
CA GLY A 56 -0.72 14.97 8.32
C GLY A 56 -1.24 13.58 7.99
N GLY A 1 15.63 -1.00 -12.95
CA GLY A 1 16.67 -0.76 -13.94
C GLY A 1 17.23 -2.04 -14.51
N SER A 2 18.47 -2.37 -14.13
CA SER A 2 19.12 -3.57 -14.62
C SER A 2 18.34 -4.81 -14.20
N SER A 3 18.06 -4.92 -12.91
CA SER A 3 17.32 -6.07 -12.38
C SER A 3 15.84 -5.97 -12.75
N GLY A 4 15.22 -7.13 -12.95
CA GLY A 4 13.80 -7.16 -13.30
C GLY A 4 12.94 -7.68 -12.16
N SER A 5 12.04 -6.83 -11.67
CA SER A 5 11.16 -7.22 -10.58
C SER A 5 10.01 -6.21 -10.43
N SER A 6 8.82 -6.72 -10.16
CA SER A 6 7.65 -5.87 -9.99
C SER A 6 7.63 -5.23 -8.61
N GLY A 7 7.02 -4.05 -8.51
CA GLY A 7 6.95 -3.36 -7.24
C GLY A 7 6.38 -4.23 -6.14
N TRP A 8 5.08 -4.42 -6.15
CA TRP A 8 4.40 -5.24 -5.14
C TRP A 8 4.67 -4.69 -3.74
N THR A 9 4.73 -3.37 -3.63
CA THR A 9 4.97 -2.72 -2.35
C THR A 9 4.10 -1.48 -2.19
N CYS A 10 3.45 -1.36 -1.04
CA CYS A 10 2.59 -0.22 -0.75
C CYS A 10 3.41 1.02 -0.41
N ASN A 11 2.99 2.17 -0.94
CA ASN A 11 3.69 3.42 -0.69
C ASN A 11 2.71 4.53 -0.31
N LYS A 12 3.21 5.53 0.40
CA LYS A 12 2.37 6.66 0.82
C LYS A 12 1.39 7.04 -0.28
N PHE A 13 1.92 7.46 -1.41
CA PHE A 13 1.09 7.87 -2.54
C PHE A 13 0.05 6.81 -2.86
N ARG A 14 0.50 5.58 -3.04
CA ARG A 14 -0.40 4.47 -3.36
C ARG A 14 -1.60 4.45 -2.40
N CYS A 15 -1.31 4.44 -1.11
CA CYS A 15 -2.35 4.43 -0.09
C CYS A 15 -3.58 5.22 -0.56
N GLY A 16 -4.60 4.50 -1.03
CA GLY A 16 -5.80 5.15 -1.50
C GLY A 16 -5.93 5.12 -3.01
N GLU A 17 -5.67 3.95 -3.59
CA GLU A 17 -5.76 3.80 -5.05
C GLU A 17 -6.91 2.88 -5.43
N LYS A 18 -7.51 3.14 -6.58
CA LYS A 18 -8.63 2.34 -7.07
C LYS A 18 -8.39 0.85 -6.82
N ARG A 19 -9.46 0.09 -6.71
CA ARG A 19 -9.36 -1.34 -6.47
C ARG A 19 -8.78 -2.05 -7.70
N LEU A 20 -7.64 -2.70 -7.50
CA LEU A 20 -6.98 -3.42 -8.58
C LEU A 20 -7.58 -4.82 -8.75
N THR A 21 -7.44 -5.38 -9.95
CA THR A 21 -7.97 -6.71 -10.24
C THR A 21 -7.13 -7.79 -9.56
N ARG A 22 -7.52 -9.04 -9.75
CA ARG A 22 -6.81 -10.16 -9.16
C ARG A 22 -5.30 -9.93 -9.19
N SER A 23 -4.76 -9.48 -8.06
CA SER A 23 -3.33 -9.21 -7.96
C SER A 23 -2.77 -9.73 -6.63
N LEU A 24 -1.46 -9.92 -6.59
CA LEU A 24 -0.80 -10.41 -5.38
C LEU A 24 -1.21 -9.58 -4.16
N CYS A 25 -1.43 -8.30 -4.38
CA CYS A 25 -1.82 -7.39 -3.31
C CYS A 25 -2.44 -6.11 -3.87
N ALA A 26 -3.10 -5.35 -3.01
CA ALA A 26 -3.73 -4.11 -3.42
C ALA A 26 -3.71 -3.08 -2.28
N CYS A 27 -3.23 -1.88 -2.59
CA CYS A 27 -3.15 -0.81 -1.60
C CYS A 27 -4.36 0.12 -1.70
N SER A 28 -5.54 -0.47 -1.87
CA SER A 28 -6.77 0.30 -1.98
C SER A 28 -7.51 0.34 -0.65
N ASP A 29 -8.65 1.03 -0.63
CA ASP A 29 -9.45 1.15 0.58
C ASP A 29 -10.56 0.10 0.60
N ASP A 30 -10.30 -1.04 -0.03
CA ASP A 30 -11.28 -2.12 -0.09
C ASP A 30 -10.64 -3.44 0.33
N CYS A 31 -9.36 -3.60 0.00
CA CYS A 31 -8.65 -4.83 0.33
C CYS A 31 -9.00 -5.30 1.74
N LYS A 32 -9.18 -4.36 2.65
CA LYS A 32 -9.54 -4.68 4.03
C LYS A 32 -10.62 -5.76 4.08
N ASP A 33 -11.61 -5.62 3.22
CA ASP A 33 -12.72 -6.58 3.16
C ASP A 33 -12.21 -7.94 2.67
N GLN A 34 -11.68 -7.97 1.46
CA GLN A 34 -11.18 -9.21 0.88
C GLN A 34 -10.08 -9.82 1.76
N GLY A 35 -8.98 -9.09 1.91
CA GLY A 35 -7.88 -9.57 2.72
C GLY A 35 -6.63 -9.82 1.91
N ASP A 36 -6.46 -9.06 0.85
CA ASP A 36 -5.28 -9.20 -0.02
C ASP A 36 -4.43 -7.93 0.01
N CYS A 37 -4.30 -7.34 1.20
CA CYS A 37 -3.51 -6.13 1.36
C CYS A 37 -2.02 -6.45 1.44
N CYS A 38 -1.23 -5.79 0.60
CA CYS A 38 0.21 -6.00 0.58
C CYS A 38 0.76 -6.18 1.99
N ILE A 39 1.67 -7.13 2.14
CA ILE A 39 2.27 -7.41 3.43
C ILE A 39 2.70 -6.12 4.13
N ASN A 40 3.24 -5.19 3.35
CA ASN A 40 3.69 -3.91 3.89
C ASN A 40 2.68 -2.80 3.57
N TYR A 41 1.41 -3.11 3.74
CA TYR A 41 0.35 -2.14 3.47
C TYR A 41 0.25 -1.11 4.58
N SER A 42 0.04 -1.60 5.81
CA SER A 42 -0.07 -0.72 6.97
C SER A 42 1.29 -0.14 7.36
N SER A 43 2.31 -0.99 7.33
CA SER A 43 3.67 -0.57 7.67
C SER A 43 4.05 0.70 6.91
N VAL A 44 3.59 0.79 5.67
CA VAL A 44 3.89 1.96 4.84
C VAL A 44 2.79 3.01 4.94
N CYS A 45 1.54 2.55 4.87
CA CYS A 45 0.40 3.45 4.96
C CYS A 45 0.18 3.93 6.40
N GLN A 46 -0.23 3.00 7.26
CA GLN A 46 -0.47 3.33 8.67
C GLN A 46 0.82 3.21 9.48
N GLY A 47 1.68 4.22 9.37
CA GLY A 47 2.93 4.20 10.10
C GLY A 47 3.01 5.28 11.16
N GLU A 48 3.72 6.36 10.84
CA GLU A 48 3.87 7.48 11.78
C GLU A 48 3.68 8.80 11.06
N LYS A 49 2.85 9.67 11.64
CA LYS A 49 2.58 10.97 11.06
C LYS A 49 3.75 11.93 11.31
N SER A 50 4.77 11.83 10.48
CA SER A 50 5.95 12.69 10.61
C SER A 50 6.03 13.69 9.46
N SER A 51 5.42 14.85 9.65
CA SER A 51 5.42 15.89 8.62
C SER A 51 6.72 16.68 8.66
N GLY A 52 7.37 16.80 7.50
CA GLY A 52 8.62 17.53 7.42
C GLY A 52 9.67 16.81 6.61
N PRO A 53 10.49 17.58 5.87
CA PRO A 53 11.55 17.02 5.04
C PRO A 53 12.69 16.43 5.86
N SER A 54 12.60 15.15 6.16
CA SER A 54 13.61 14.46 6.94
C SER A 54 14.72 13.93 6.05
N SER A 55 15.95 13.95 6.55
CA SER A 55 17.10 13.47 5.79
C SER A 55 17.58 12.12 6.32
N GLY A 56 17.30 11.07 5.57
CA GLY A 56 17.71 9.73 5.99
C GLY A 56 17.92 8.80 4.81
N GLY A 1 4.56 -13.18 -20.91
CA GLY A 1 5.09 -13.97 -19.83
C GLY A 1 5.33 -13.16 -18.57
N SER A 2 6.56 -12.70 -18.39
CA SER A 2 6.91 -11.90 -17.22
C SER A 2 7.41 -10.52 -17.63
N SER A 3 6.48 -9.63 -17.92
CA SER A 3 6.83 -8.27 -18.33
C SER A 3 6.23 -7.24 -17.37
N GLY A 4 7.11 -6.58 -16.61
CA GLY A 4 6.65 -5.58 -15.66
C GLY A 4 6.94 -5.97 -14.23
N SER A 5 8.20 -5.85 -13.82
CA SER A 5 8.61 -6.20 -12.47
C SER A 5 7.73 -5.49 -11.44
N SER A 6 7.16 -6.27 -10.52
CA SER A 6 6.29 -5.73 -9.49
C SER A 6 6.71 -6.24 -8.12
N GLY A 7 6.16 -5.62 -7.07
CA GLY A 7 6.48 -6.02 -5.71
C GLY A 7 5.26 -6.06 -4.82
N TRP A 8 5.45 -6.54 -3.59
CA TRP A 8 4.36 -6.63 -2.63
C TRP A 8 4.21 -5.34 -1.83
N THR A 9 5.26 -4.98 -1.10
CA THR A 9 5.25 -3.77 -0.29
C THR A 9 4.52 -2.64 -1.02
N CYS A 10 3.82 -1.81 -0.25
CA CYS A 10 3.08 -0.69 -0.81
C CYS A 10 3.85 0.61 -0.67
N ASN A 11 3.60 1.55 -1.57
CA ASN A 11 4.28 2.84 -1.56
C ASN A 11 3.35 3.94 -1.05
N LYS A 12 3.90 4.83 -0.23
CA LYS A 12 3.12 5.93 0.33
C LYS A 12 2.07 6.42 -0.66
N PHE A 13 2.48 6.56 -1.93
CA PHE A 13 1.58 7.02 -2.98
C PHE A 13 0.53 5.96 -3.29
N ARG A 14 0.97 4.74 -3.53
CA ARG A 14 0.07 3.64 -3.84
C ARG A 14 -1.14 3.65 -2.91
N CYS A 15 -0.89 3.84 -1.62
CA CYS A 15 -1.95 3.87 -0.63
C CYS A 15 -3.21 4.49 -1.21
N GLY A 16 -4.33 3.75 -1.14
CA GLY A 16 -5.58 4.24 -1.66
C GLY A 16 -5.56 4.42 -3.16
N GLU A 17 -5.24 3.34 -3.87
CA GLU A 17 -5.18 3.38 -5.34
C GLU A 17 -6.25 2.49 -5.96
N LYS A 18 -6.63 2.79 -7.20
CA LYS A 18 -7.63 2.01 -7.90
C LYS A 18 -7.20 1.71 -9.33
N ARG A 19 -5.90 1.42 -9.49
CA ARG A 19 -5.36 1.12 -10.81
C ARG A 19 -4.69 -0.25 -10.81
N LEU A 20 -4.31 -0.72 -12.00
CA LEU A 20 -3.66 -2.01 -12.14
C LEU A 20 -4.55 -3.13 -11.62
N THR A 21 -5.79 -3.16 -12.09
CA THR A 21 -6.74 -4.18 -11.67
C THR A 21 -6.07 -5.55 -11.55
N ARG A 22 -5.06 -5.78 -12.38
CA ARG A 22 -4.33 -7.05 -12.36
C ARG A 22 -3.01 -6.91 -11.61
N SER A 23 -3.08 -6.34 -10.40
CA SER A 23 -1.90 -6.14 -9.59
C SER A 23 -1.81 -7.20 -8.49
N LEU A 24 -0.63 -7.79 -8.33
CA LEU A 24 -0.42 -8.82 -7.31
C LEU A 24 -1.26 -8.53 -6.07
N CYS A 25 -1.02 -7.40 -5.43
CA CYS A 25 -1.75 -7.02 -4.23
C CYS A 25 -2.28 -5.58 -4.36
N ALA A 26 -3.41 -5.33 -3.70
CA ALA A 26 -4.02 -4.00 -3.74
C ALA A 26 -3.53 -3.13 -2.58
N CYS A 27 -3.34 -1.85 -2.85
CA CYS A 27 -2.86 -0.92 -1.83
C CYS A 27 -3.93 0.11 -1.50
N SER A 28 -5.18 -0.34 -1.40
CA SER A 28 -6.30 0.55 -1.09
C SER A 28 -6.97 0.13 0.22
N ASP A 29 -7.86 0.98 0.71
CA ASP A 29 -8.58 0.71 1.95
C ASP A 29 -9.81 -0.13 1.69
N ASP A 30 -9.81 -0.84 0.56
CA ASP A 30 -10.94 -1.70 0.19
C ASP A 30 -10.54 -3.17 0.24
N CYS A 31 -9.28 -3.45 -0.06
CA CYS A 31 -8.78 -4.82 -0.06
C CYS A 31 -8.75 -5.38 1.36
N LYS A 32 -8.75 -4.49 2.35
CA LYS A 32 -8.72 -4.89 3.75
C LYS A 32 -9.88 -5.84 4.06
N ASP A 33 -11.03 -5.58 3.46
CA ASP A 33 -12.22 -6.40 3.67
C ASP A 33 -12.05 -7.77 3.02
N GLN A 34 -11.80 -7.76 1.71
CA GLN A 34 -11.63 -9.00 0.96
C GLN A 34 -10.46 -9.81 1.51
N GLY A 35 -9.27 -9.22 1.48
CA GLY A 35 -8.09 -9.90 1.98
C GLY A 35 -6.99 -9.99 0.95
N ASP A 36 -6.71 -8.87 0.28
CA ASP A 36 -5.67 -8.83 -0.74
C ASP A 36 -4.60 -7.81 -0.38
N CYS A 37 -4.97 -6.82 0.43
CA CYS A 37 -4.05 -5.77 0.84
C CYS A 37 -2.64 -6.33 1.02
N CYS A 38 -1.66 -5.64 0.45
CA CYS A 38 -0.27 -6.06 0.55
C CYS A 38 0.15 -6.27 2.00
N ILE A 39 0.83 -7.38 2.26
CA ILE A 39 1.27 -7.70 3.61
C ILE A 39 1.85 -6.48 4.31
N ASN A 40 2.47 -5.60 3.53
CA ASN A 40 3.06 -4.37 4.07
C ASN A 40 2.23 -3.16 3.69
N TYR A 41 0.92 -3.27 3.84
CA TYR A 41 0.01 -2.18 3.50
C TYR A 41 -0.01 -1.14 4.62
N SER A 42 -0.14 -1.60 5.86
CA SER A 42 -0.18 -0.72 7.01
C SER A 42 1.20 -0.09 7.27
N SER A 43 2.17 -0.94 7.54
CA SER A 43 3.53 -0.47 7.80
C SER A 43 3.88 0.72 6.91
N VAL A 44 3.41 0.67 5.68
CA VAL A 44 3.67 1.74 4.72
C VAL A 44 2.62 2.85 4.82
N CYS A 45 1.35 2.44 4.77
CA CYS A 45 0.25 3.39 4.86
C CYS A 45 -0.04 3.76 6.31
N GLN A 46 -0.64 2.83 7.04
CA GLN A 46 -0.97 3.06 8.45
C GLN A 46 0.25 2.85 9.34
N GLY A 47 1.38 3.39 8.91
CA GLY A 47 2.61 3.26 9.67
C GLY A 47 3.12 4.58 10.18
N GLU A 48 3.56 5.43 9.26
CA GLU A 48 4.09 6.74 9.63
C GLU A 48 3.40 7.85 8.83
N LYS A 49 2.37 8.43 9.42
CA LYS A 49 1.61 9.50 8.76
C LYS A 49 2.01 10.86 9.31
N SER A 50 1.93 11.89 8.48
CA SER A 50 2.28 13.23 8.89
C SER A 50 1.06 13.99 9.39
N SER A 51 0.07 14.15 8.52
CA SER A 51 -1.16 14.86 8.87
C SER A 51 -2.15 13.91 9.56
N GLY A 52 -1.96 13.74 10.87
CA GLY A 52 -2.84 12.85 11.62
C GLY A 52 -4.11 13.56 12.06
N PRO A 53 -4.76 13.02 13.11
CA PRO A 53 -6.00 13.58 13.65
C PRO A 53 -5.78 14.91 14.34
N SER A 54 -4.51 15.25 14.58
CA SER A 54 -4.17 16.50 15.24
C SER A 54 -4.82 17.69 14.54
N SER A 55 -4.75 17.70 13.21
CA SER A 55 -5.33 18.78 12.42
C SER A 55 -6.86 18.70 12.43
N GLY A 56 -7.50 19.86 12.51
CA GLY A 56 -8.95 19.90 12.51
C GLY A 56 -9.50 21.17 11.89
N GLY A 1 20.77 -0.59 -13.50
CA GLY A 1 19.63 -0.92 -14.33
C GLY A 1 18.48 -1.53 -13.55
N SER A 2 17.61 -0.67 -13.03
CA SER A 2 16.47 -1.13 -12.25
C SER A 2 15.62 -2.12 -13.05
N SER A 3 14.62 -2.70 -12.39
CA SER A 3 13.73 -3.66 -13.04
C SER A 3 12.59 -2.95 -13.76
N GLY A 4 11.95 -2.01 -13.07
CA GLY A 4 10.85 -1.28 -13.67
C GLY A 4 10.13 -0.40 -12.66
N SER A 5 8.84 -0.68 -12.45
CA SER A 5 8.04 0.09 -11.52
C SER A 5 7.72 -0.73 -10.27
N SER A 6 6.99 -0.12 -9.34
CA SER A 6 6.62 -0.79 -8.10
C SER A 6 6.36 -2.27 -8.35
N GLY A 7 6.88 -3.12 -7.46
CA GLY A 7 6.69 -4.55 -7.60
C GLY A 7 5.54 -5.07 -6.75
N TRP A 8 5.87 -5.64 -5.60
CA TRP A 8 4.86 -6.18 -4.70
C TRP A 8 5.02 -5.61 -3.30
N THR A 9 5.15 -4.28 -3.22
CA THR A 9 5.30 -3.60 -1.94
C THR A 9 4.69 -2.21 -1.98
N CYS A 10 3.54 -2.06 -1.33
CA CYS A 10 2.85 -0.76 -1.29
C CYS A 10 3.81 0.35 -0.89
N ASN A 11 3.40 1.59 -1.12
CA ASN A 11 4.22 2.75 -0.79
C ASN A 11 3.35 3.95 -0.45
N LYS A 12 3.88 4.84 0.39
CA LYS A 12 3.14 6.04 0.78
C LYS A 12 2.43 6.67 -0.41
N PHE A 13 3.10 6.69 -1.55
CA PHE A 13 2.53 7.25 -2.77
C PHE A 13 1.41 6.37 -3.31
N ARG A 14 1.73 5.10 -3.53
CA ARG A 14 0.76 4.14 -4.05
C ARG A 14 -0.52 4.17 -3.23
N CYS A 15 -0.38 4.20 -1.91
CA CYS A 15 -1.52 4.22 -1.01
C CYS A 15 -2.67 5.04 -1.62
N GLY A 16 -3.63 4.33 -2.21
CA GLY A 16 -4.77 4.99 -2.82
C GLY A 16 -4.87 4.72 -4.31
N GLU A 17 -4.66 3.47 -4.70
CA GLU A 17 -4.73 3.08 -6.09
C GLU A 17 -6.07 2.42 -6.41
N LYS A 18 -6.46 2.45 -7.69
CA LYS A 18 -7.72 1.86 -8.12
C LYS A 18 -7.55 1.13 -9.45
N ARG A 19 -8.57 0.40 -9.86
CA ARG A 19 -8.54 -0.35 -11.11
C ARG A 19 -7.29 -1.22 -11.18
N LEU A 20 -7.10 -2.06 -10.17
CA LEU A 20 -5.95 -2.95 -10.11
C LEU A 20 -6.37 -4.39 -10.36
N THR A 21 -6.27 -4.82 -11.62
CA THR A 21 -6.64 -6.18 -12.00
C THR A 21 -5.98 -7.20 -11.08
N ARG A 22 -6.31 -8.47 -11.28
CA ARG A 22 -5.75 -9.54 -10.46
C ARG A 22 -4.31 -9.23 -10.07
N SER A 23 -4.12 -8.78 -8.84
CA SER A 23 -2.80 -8.45 -8.34
C SER A 23 -2.55 -9.06 -6.97
N LEU A 24 -1.42 -9.74 -6.82
CA LEU A 24 -1.08 -10.37 -5.55
C LEU A 24 -1.59 -9.56 -4.37
N CYS A 25 -1.28 -8.26 -4.38
CA CYS A 25 -1.71 -7.37 -3.30
C CYS A 25 -2.44 -6.15 -3.88
N ALA A 26 -3.08 -5.39 -3.00
CA ALA A 26 -3.82 -4.20 -3.41
C ALA A 26 -3.53 -3.03 -2.49
N CYS A 27 -3.02 -1.94 -3.05
CA CYS A 27 -2.70 -0.75 -2.27
C CYS A 27 -3.88 0.22 -2.25
N SER A 28 -5.08 -0.32 -2.04
CA SER A 28 -6.28 0.50 -1.99
C SER A 28 -7.04 0.27 -0.69
N ASP A 29 -7.96 1.18 -0.38
CA ASP A 29 -8.76 1.08 0.83
C ASP A 29 -9.87 0.04 0.67
N ASP A 30 -9.51 -1.12 0.15
CA ASP A 30 -10.47 -2.20 -0.06
C ASP A 30 -9.94 -3.52 0.49
N CYS A 31 -8.64 -3.74 0.33
CA CYS A 31 -8.01 -4.96 0.80
C CYS A 31 -8.48 -5.31 2.22
N LYS A 32 -8.70 -4.27 3.03
CA LYS A 32 -9.15 -4.46 4.40
C LYS A 32 -10.25 -5.53 4.48
N ASP A 33 -11.16 -5.49 3.52
CA ASP A 33 -12.25 -6.46 3.47
C ASP A 33 -11.85 -7.70 2.69
N GLN A 34 -11.42 -7.51 1.45
CA GLN A 34 -11.00 -8.62 0.62
C GLN A 34 -9.99 -9.51 1.34
N GLY A 35 -8.85 -8.93 1.67
CA GLY A 35 -7.80 -9.67 2.36
C GLY A 35 -6.59 -9.92 1.49
N ASP A 36 -6.19 -8.91 0.74
CA ASP A 36 -5.03 -9.02 -0.15
C ASP A 36 -4.13 -7.81 -0.02
N CYS A 37 -3.87 -7.40 1.23
CA CYS A 37 -3.02 -6.24 1.49
C CYS A 37 -1.55 -6.61 1.34
N CYS A 38 -0.81 -5.78 0.61
CA CYS A 38 0.62 -6.02 0.39
C CYS A 38 1.33 -6.32 1.70
N ILE A 39 2.39 -7.12 1.63
CA ILE A 39 3.16 -7.49 2.81
C ILE A 39 3.26 -6.32 3.79
N ASN A 40 3.54 -5.13 3.25
CA ASN A 40 3.66 -3.93 4.07
C ASN A 40 2.70 -2.85 3.60
N TYR A 41 1.42 -3.21 3.53
CA TYR A 41 0.39 -2.26 3.09
C TYR A 41 0.01 -1.31 4.22
N SER A 42 -0.30 -1.87 5.39
CA SER A 42 -0.67 -1.07 6.55
C SER A 42 0.54 -0.39 7.16
N SER A 43 1.66 -1.10 7.19
CA SER A 43 2.89 -0.56 7.76
C SER A 43 3.37 0.64 6.96
N VAL A 44 3.18 0.59 5.64
CA VAL A 44 3.60 1.68 4.77
C VAL A 44 2.54 2.76 4.70
N CYS A 45 1.28 2.35 4.48
CA CYS A 45 0.17 3.29 4.40
C CYS A 45 -0.22 3.79 5.78
N GLN A 46 -0.72 2.88 6.62
CA GLN A 46 -1.13 3.24 7.97
C GLN A 46 0.08 3.43 8.87
N GLY A 47 0.37 4.69 9.19
CA GLY A 47 1.50 4.99 10.04
C GLY A 47 1.10 5.75 11.29
N GLU A 48 1.07 7.08 11.18
CA GLU A 48 0.70 7.93 12.31
C GLU A 48 0.44 9.36 11.86
N LYS A 49 -0.12 10.17 12.74
CA LYS A 49 -0.42 11.56 12.44
C LYS A 49 0.52 12.50 13.19
N SER A 50 0.78 13.66 12.60
CA SER A 50 1.67 14.64 13.21
C SER A 50 1.65 15.95 12.43
N SER A 51 1.62 17.07 13.15
CA SER A 51 1.59 18.38 12.52
C SER A 51 3.01 18.91 12.32
N GLY A 52 3.27 19.44 11.13
CA GLY A 52 4.58 19.96 10.81
C GLY A 52 4.89 19.91 9.33
N PRO A 53 6.19 19.93 8.99
CA PRO A 53 6.65 19.89 7.60
C PRO A 53 6.39 18.53 6.95
N SER A 54 6.23 18.54 5.63
CA SER A 54 5.97 17.32 4.88
C SER A 54 6.95 17.18 3.72
N SER A 55 7.21 15.94 3.31
CA SER A 55 8.12 15.66 2.20
C SER A 55 8.01 16.74 1.14
N GLY A 56 9.15 17.34 0.79
CA GLY A 56 9.16 18.39 -0.22
C GLY A 56 10.50 19.09 -0.31
N GLY A 1 15.08 -2.85 -9.24
CA GLY A 1 14.06 -3.02 -8.22
C GLY A 1 12.65 -2.99 -8.80
N SER A 2 12.12 -1.79 -9.02
CA SER A 2 10.78 -1.64 -9.56
C SER A 2 10.84 -1.06 -10.98
N SER A 3 11.78 -1.54 -11.77
CA SER A 3 11.93 -1.07 -13.14
C SER A 3 10.81 -1.60 -14.03
N GLY A 4 9.70 -0.85 -14.07
CA GLY A 4 8.57 -1.26 -14.88
C GLY A 4 7.28 -1.29 -14.09
N SER A 5 6.46 -2.31 -14.33
CA SER A 5 5.19 -2.46 -13.63
C SER A 5 5.23 -3.64 -12.66
N SER A 6 6.34 -3.76 -11.94
CA SER A 6 6.52 -4.84 -10.98
C SER A 6 6.72 -4.29 -9.57
N GLY A 7 5.62 -3.98 -8.89
CA GLY A 7 5.70 -3.45 -7.54
C GLY A 7 4.77 -4.16 -6.58
N TRP A 8 5.34 -5.02 -5.74
CA TRP A 8 4.55 -5.77 -4.77
C TRP A 8 4.81 -5.26 -3.36
N THR A 9 4.89 -3.95 -3.21
CA THR A 9 5.14 -3.34 -1.90
C THR A 9 4.41 -2.01 -1.78
N CYS A 10 3.35 -2.00 -0.99
CA CYS A 10 2.56 -0.79 -0.78
C CYS A 10 3.47 0.42 -0.53
N ASN A 11 3.05 1.58 -1.02
CA ASN A 11 3.83 2.80 -0.86
C ASN A 11 2.93 3.97 -0.42
N LYS A 12 3.50 4.88 0.36
CA LYS A 12 2.75 6.03 0.85
C LYS A 12 1.86 6.60 -0.25
N PHE A 13 2.39 6.69 -1.46
CA PHE A 13 1.63 7.22 -2.59
C PHE A 13 0.51 6.26 -2.98
N ARG A 14 0.88 5.02 -3.30
CA ARG A 14 -0.10 4.01 -3.69
C ARG A 14 -1.30 4.02 -2.75
N CYS A 15 -1.03 4.06 -1.45
CA CYS A 15 -2.09 4.07 -0.44
C CYS A 15 -3.30 4.85 -0.94
N GLY A 16 -4.34 4.12 -1.35
CA GLY A 16 -5.55 4.77 -1.84
C GLY A 16 -5.59 4.83 -3.35
N GLU A 17 -5.44 3.68 -3.99
CA GLU A 17 -5.45 3.61 -5.45
C GLU A 17 -6.56 2.66 -5.94
N LYS A 18 -7.06 2.92 -7.14
CA LYS A 18 -8.11 2.10 -7.73
C LYS A 18 -7.80 1.76 -9.18
N ARG A 19 -6.53 1.47 -9.46
CA ARG A 19 -6.11 1.13 -10.81
C ARG A 19 -5.61 -0.31 -10.88
N LEU A 20 -6.37 -1.23 -10.29
CA LEU A 20 -6.01 -2.63 -10.28
C LEU A 20 -7.24 -3.51 -10.05
N THR A 21 -7.31 -4.63 -10.77
CA THR A 21 -8.42 -5.55 -10.64
C THR A 21 -7.99 -6.85 -9.97
N ARG A 22 -7.04 -7.55 -10.60
CA ARG A 22 -6.54 -8.81 -10.07
C ARG A 22 -5.03 -8.77 -9.93
N SER A 23 -4.56 -8.58 -8.71
CA SER A 23 -3.13 -8.52 -8.43
C SER A 23 -2.79 -9.18 -7.10
N LEU A 24 -1.60 -9.74 -7.00
CA LEU A 24 -1.16 -10.40 -5.78
C LEU A 24 -1.71 -9.70 -4.54
N CYS A 25 -1.48 -8.39 -4.46
CA CYS A 25 -1.95 -7.59 -3.34
C CYS A 25 -2.69 -6.35 -3.82
N ALA A 26 -3.27 -5.61 -2.89
CA ALA A 26 -4.02 -4.40 -3.22
C ALA A 26 -3.96 -3.40 -2.08
N CYS A 27 -3.42 -2.21 -2.37
CA CYS A 27 -3.31 -1.15 -1.36
C CYS A 27 -4.55 -0.28 -1.36
N SER A 28 -5.71 -0.90 -1.50
CA SER A 28 -6.98 -0.17 -1.52
C SER A 28 -7.86 -0.56 -0.34
N ASP A 29 -8.58 0.41 0.20
CA ASP A 29 -9.46 0.18 1.34
C ASP A 29 -10.17 -1.17 1.20
N ASP A 30 -10.65 -1.46 -0.01
CA ASP A 30 -11.35 -2.71 -0.28
C ASP A 30 -10.53 -3.91 0.22
N CYS A 31 -9.23 -3.87 -0.02
CA CYS A 31 -8.35 -4.95 0.40
C CYS A 31 -8.62 -5.34 1.84
N LYS A 32 -8.97 -4.37 2.67
CA LYS A 32 -9.26 -4.62 4.07
C LYS A 32 -10.35 -5.67 4.23
N ASP A 33 -11.38 -5.57 3.38
CA ASP A 33 -12.50 -6.52 3.43
C ASP A 33 -12.11 -7.82 2.73
N GLN A 34 -11.67 -7.72 1.49
CA GLN A 34 -11.28 -8.88 0.72
C GLN A 34 -10.19 -9.68 1.42
N GLY A 35 -9.05 -9.02 1.67
CA GLY A 35 -7.95 -9.68 2.33
C GLY A 35 -6.76 -9.89 1.43
N ASP A 36 -6.34 -8.83 0.75
CA ASP A 36 -5.20 -8.91 -0.16
C ASP A 36 -4.15 -7.86 0.18
N CYS A 37 -4.52 -6.95 1.08
CA CYS A 37 -3.61 -5.88 1.50
C CYS A 37 -2.17 -6.37 1.51
N CYS A 38 -1.33 -5.74 0.70
CA CYS A 38 0.08 -6.12 0.63
C CYS A 38 0.67 -6.34 2.02
N ILE A 39 1.72 -7.15 2.09
CA ILE A 39 2.36 -7.46 3.35
C ILE A 39 2.78 -6.18 4.07
N ASN A 40 3.14 -5.15 3.31
CA ASN A 40 3.55 -3.87 3.87
C ASN A 40 2.49 -2.80 3.62
N TYR A 41 1.23 -3.19 3.73
CA TYR A 41 0.13 -2.26 3.52
C TYR A 41 0.07 -1.21 4.63
N SER A 42 -0.09 -1.68 5.86
CA SER A 42 -0.16 -0.80 7.02
C SER A 42 1.20 -0.18 7.33
N SER A 43 2.24 -1.03 7.32
CA SER A 43 3.58 -0.56 7.60
C SER A 43 3.91 0.70 6.81
N VAL A 44 3.40 0.77 5.59
CA VAL A 44 3.63 1.92 4.73
C VAL A 44 2.49 2.92 4.83
N CYS A 45 1.26 2.43 4.65
CA CYS A 45 0.09 3.29 4.73
C CYS A 45 -0.17 3.74 6.15
N GLN A 46 -0.40 2.77 7.04
CA GLN A 46 -0.66 3.07 8.44
C GLN A 46 0.65 3.13 9.24
N GLY A 47 1.33 4.26 9.18
CA GLY A 47 2.58 4.41 9.89
C GLY A 47 2.47 5.42 11.03
N GLU A 48 3.38 6.38 11.05
CA GLU A 48 3.38 7.40 12.10
C GLU A 48 2.67 8.67 11.62
N LYS A 49 2.18 9.46 12.58
CA LYS A 49 1.50 10.70 12.26
C LYS A 49 2.46 11.88 12.25
N SER A 50 2.00 13.01 11.74
CA SER A 50 2.82 14.21 11.67
C SER A 50 3.74 14.31 12.88
N SER A 51 5.01 14.65 12.63
CA SER A 51 5.99 14.77 13.70
C SER A 51 5.55 15.83 14.71
N GLY A 52 5.41 17.06 14.24
CA GLY A 52 4.99 18.15 15.12
C GLY A 52 5.26 19.52 14.52
N PRO A 53 6.55 19.91 14.48
CA PRO A 53 6.96 21.20 13.94
C PRO A 53 6.80 21.27 12.43
N SER A 54 6.27 20.20 11.84
CA SER A 54 6.06 20.13 10.40
C SER A 54 4.58 20.07 10.06
N SER A 55 4.12 21.01 9.24
CA SER A 55 2.72 21.06 8.85
C SER A 55 2.59 21.51 7.39
N GLY A 56 1.70 20.84 6.66
CA GLY A 56 1.48 21.17 5.27
C GLY A 56 2.54 20.56 4.35
N GLY A 1 18.78 -12.29 -5.80
CA GLY A 1 17.75 -12.55 -4.80
C GLY A 1 16.77 -11.42 -4.67
N SER A 2 17.27 -10.19 -4.66
CA SER A 2 16.42 -9.01 -4.54
C SER A 2 15.93 -8.55 -5.91
N SER A 3 14.84 -9.13 -6.38
CA SER A 3 14.28 -8.78 -7.68
C SER A 3 12.80 -8.42 -7.55
N GLY A 4 12.49 -7.13 -7.71
CA GLY A 4 11.12 -6.68 -7.61
C GLY A 4 11.02 -5.17 -7.53
N SER A 5 10.49 -4.55 -8.59
CA SER A 5 10.34 -3.10 -8.63
C SER A 5 8.99 -2.68 -8.08
N SER A 6 8.93 -2.47 -6.77
CA SER A 6 7.70 -2.05 -6.11
C SER A 6 6.53 -2.92 -6.57
N GLY A 7 6.76 -4.23 -6.62
CA GLY A 7 5.72 -5.15 -7.05
C GLY A 7 4.74 -5.47 -5.92
N TRP A 8 5.24 -6.07 -4.86
CA TRP A 8 4.40 -6.43 -3.71
C TRP A 8 4.59 -5.44 -2.57
N THR A 9 4.64 -4.15 -2.91
CA THR A 9 4.81 -3.10 -1.92
C THR A 9 3.93 -1.90 -2.21
N CYS A 10 3.16 -1.47 -1.22
CA CYS A 10 2.26 -0.33 -1.38
C CYS A 10 3.00 0.98 -1.11
N ASN A 11 2.41 2.08 -1.56
CA ASN A 11 3.01 3.40 -1.37
C ASN A 11 2.06 4.33 -0.64
N LYS A 12 2.60 5.21 0.19
CA LYS A 12 1.80 6.16 0.95
C LYS A 12 0.66 6.71 0.09
N PHE A 13 1.00 7.27 -1.06
CA PHE A 13 0.00 7.82 -1.97
C PHE A 13 -1.03 6.77 -2.36
N ARG A 14 -0.54 5.62 -2.82
CA ARG A 14 -1.42 4.52 -3.22
C ARG A 14 -2.53 4.32 -2.22
N CYS A 15 -2.17 4.31 -0.94
CA CYS A 15 -3.14 4.12 0.14
C CYS A 15 -4.45 4.83 -0.19
N GLY A 16 -5.52 4.05 -0.34
CA GLY A 16 -6.82 4.63 -0.65
C GLY A 16 -7.00 4.90 -2.14
N GLU A 17 -6.49 3.98 -2.96
CA GLU A 17 -6.60 4.12 -4.41
C GLU A 17 -7.86 3.42 -4.93
N LYS A 18 -8.26 3.76 -6.15
CA LYS A 18 -9.44 3.17 -6.76
C LYS A 18 -9.22 1.70 -7.06
N ARG A 19 -10.30 0.99 -7.40
CA ARG A 19 -10.23 -0.43 -7.72
C ARG A 19 -8.92 -0.76 -8.45
N LEU A 20 -8.06 -1.52 -7.79
CA LEU A 20 -6.78 -1.91 -8.39
C LEU A 20 -6.97 -2.41 -9.81
N THR A 21 -5.86 -2.69 -10.49
CA THR A 21 -5.91 -3.17 -11.87
C THR A 21 -4.73 -4.10 -12.16
N ARG A 22 -5.04 -5.38 -12.37
CA ARG A 22 -4.00 -6.38 -12.65
C ARG A 22 -2.75 -6.11 -11.82
N SER A 23 -2.95 -5.82 -10.54
CA SER A 23 -1.83 -5.54 -9.64
C SER A 23 -1.73 -6.63 -8.57
N LEU A 24 -0.50 -6.90 -8.14
CA LEU A 24 -0.26 -7.92 -7.13
C LEU A 24 -1.16 -7.70 -5.92
N CYS A 25 -1.08 -6.51 -5.34
CA CYS A 25 -1.89 -6.18 -4.17
C CYS A 25 -2.77 -4.96 -4.45
N ALA A 26 -3.61 -4.61 -3.49
CA ALA A 26 -4.52 -3.47 -3.63
C ALA A 26 -4.40 -2.53 -2.44
N CYS A 27 -3.89 -1.33 -2.69
CA CYS A 27 -3.73 -0.33 -1.64
C CYS A 27 -4.99 0.51 -1.49
N SER A 28 -6.14 -0.15 -1.53
CA SER A 28 -7.42 0.54 -1.40
C SER A 28 -8.18 0.06 -0.17
N ASP A 29 -9.33 0.68 0.10
CA ASP A 29 -10.14 0.32 1.24
C ASP A 29 -10.77 -1.06 1.05
N ASP A 30 -11.23 -1.33 -0.16
CA ASP A 30 -11.84 -2.61 -0.48
C ASP A 30 -11.01 -3.78 0.05
N CYS A 31 -9.69 -3.67 -0.13
CA CYS A 31 -8.78 -4.71 0.33
C CYS A 31 -9.14 -5.16 1.75
N LYS A 32 -9.45 -4.19 2.61
CA LYS A 32 -9.82 -4.49 3.98
C LYS A 32 -10.81 -5.65 4.06
N ASP A 33 -11.75 -5.67 3.12
CA ASP A 33 -12.76 -6.71 3.08
C ASP A 33 -12.14 -8.05 2.67
N GLN A 34 -11.60 -8.09 1.46
CA GLN A 34 -10.98 -9.30 0.95
C GLN A 34 -9.66 -9.58 1.67
N GLY A 35 -8.69 -8.69 1.50
CA GLY A 35 -7.40 -8.85 2.13
C GLY A 35 -6.28 -9.04 1.13
N ASP A 36 -6.19 -8.14 0.17
CA ASP A 36 -5.15 -8.20 -0.85
C ASP A 36 -4.05 -7.18 -0.58
N CYS A 37 -4.36 -6.19 0.25
CA CYS A 37 -3.39 -5.14 0.59
C CYS A 37 -2.01 -5.74 0.83
N CYS A 38 -1.03 -5.27 0.07
CA CYS A 38 0.34 -5.74 0.19
C CYS A 38 0.67 -6.08 1.64
N ILE A 39 1.59 -7.02 1.84
CA ILE A 39 2.00 -7.43 3.17
C ILE A 39 2.43 -6.24 4.01
N ASN A 40 3.17 -5.32 3.38
CA ASN A 40 3.64 -4.13 4.07
C ASN A 40 2.74 -2.93 3.79
N TYR A 41 1.44 -3.15 3.86
CA TYR A 41 0.46 -2.11 3.62
C TYR A 41 0.31 -1.19 4.83
N SER A 42 0.23 -1.81 6.01
CA SER A 42 0.08 -1.06 7.25
C SER A 42 1.36 -0.29 7.58
N SER A 43 2.50 -0.94 7.38
CA SER A 43 3.79 -0.31 7.65
C SER A 43 4.00 0.91 6.76
N VAL A 44 3.64 0.78 5.50
CA VAL A 44 3.79 1.88 4.54
C VAL A 44 2.71 2.94 4.76
N CYS A 45 1.46 2.51 4.79
CA CYS A 45 0.34 3.43 4.99
C CYS A 45 0.30 3.93 6.42
N GLN A 46 0.03 3.02 7.36
CA GLN A 46 -0.04 3.38 8.77
C GLN A 46 1.36 3.53 9.36
N GLY A 47 1.86 4.76 9.37
CA GLY A 47 3.19 5.01 9.91
C GLY A 47 3.15 5.38 11.38
N GLU A 48 3.73 6.54 11.72
CA GLU A 48 3.76 7.00 13.10
C GLU A 48 2.52 7.82 13.43
N LYS A 49 2.34 8.93 12.71
CA LYS A 49 1.19 9.80 12.92
C LYS A 49 0.28 9.81 11.70
N SER A 50 -0.93 10.32 11.88
CA SER A 50 -1.90 10.38 10.79
C SER A 50 -2.45 11.79 10.63
N SER A 51 -1.57 12.78 10.72
CA SER A 51 -1.97 14.17 10.60
C SER A 51 -2.21 14.55 9.14
N GLY A 52 -3.35 15.17 8.87
CA GLY A 52 -3.67 15.56 7.51
C GLY A 52 -2.84 16.74 7.03
N PRO A 53 -3.35 17.46 6.02
CA PRO A 53 -2.67 18.63 5.46
C PRO A 53 -2.65 19.81 6.42
N SER A 54 -2.12 20.93 5.94
CA SER A 54 -2.05 22.15 6.76
C SER A 54 -3.30 23.00 6.57
N SER A 55 -4.10 23.09 7.63
CA SER A 55 -5.33 23.87 7.58
C SER A 55 -5.14 25.23 8.27
N GLY A 56 -6.11 26.11 8.09
CA GLY A 56 -6.03 27.44 8.70
C GLY A 56 -6.02 28.54 7.67
N GLY A 1 5.93 -5.42 -23.59
CA GLY A 1 5.46 -6.61 -24.26
C GLY A 1 5.05 -7.70 -23.30
N SER A 2 5.97 -8.11 -22.43
CA SER A 2 5.70 -9.15 -21.45
C SER A 2 5.68 -8.57 -20.04
N SER A 3 5.21 -9.38 -19.08
CA SER A 3 5.14 -8.95 -17.69
C SER A 3 6.47 -8.36 -17.23
N GLY A 4 6.48 -7.06 -16.97
CA GLY A 4 7.70 -6.41 -16.53
C GLY A 4 7.69 -6.12 -15.04
N SER A 5 7.50 -4.86 -14.67
CA SER A 5 7.48 -4.45 -13.27
C SER A 5 6.53 -5.34 -12.47
N SER A 6 6.88 -5.57 -11.21
CA SER A 6 6.07 -6.41 -10.33
C SER A 6 5.13 -5.54 -9.49
N GLY A 7 5.71 -4.68 -8.66
CA GLY A 7 4.91 -3.82 -7.81
C GLY A 7 4.22 -4.58 -6.69
N TRP A 8 5.00 -5.05 -5.73
CA TRP A 8 4.47 -5.80 -4.59
C TRP A 8 4.86 -5.14 -3.27
N THR A 9 4.80 -3.82 -3.23
CA THR A 9 5.14 -3.07 -2.03
C THR A 9 4.30 -1.81 -1.90
N CYS A 10 3.34 -1.83 -0.97
CA CYS A 10 2.46 -0.70 -0.74
C CYS A 10 3.27 0.56 -0.44
N ASN A 11 2.87 1.68 -1.05
CA ASN A 11 3.55 2.94 -0.84
C ASN A 11 2.55 4.05 -0.51
N LYS A 12 3.05 5.13 0.09
CA LYS A 12 2.20 6.26 0.46
C LYS A 12 1.28 6.64 -0.69
N PHE A 13 1.87 6.90 -1.85
CA PHE A 13 1.09 7.28 -3.02
C PHE A 13 0.07 6.20 -3.37
N ARG A 14 0.54 4.96 -3.47
CA ARG A 14 -0.34 3.84 -3.79
C ARG A 14 -1.61 3.87 -2.95
N CYS A 15 -1.43 4.00 -1.64
CA CYS A 15 -2.57 4.04 -0.71
C CYS A 15 -3.77 4.70 -1.37
N GLY A 16 -4.64 3.89 -1.95
CA GLY A 16 -5.83 4.40 -2.61
C GLY A 16 -5.77 4.26 -4.11
N GLU A 17 -5.48 3.06 -4.59
CA GLU A 17 -5.38 2.80 -6.02
C GLU A 17 -6.74 2.34 -6.57
N LYS A 18 -6.77 2.07 -7.86
CA LYS A 18 -8.00 1.62 -8.52
C LYS A 18 -8.31 0.18 -8.15
N ARG A 19 -9.48 -0.29 -8.59
CA ARG A 19 -9.90 -1.66 -8.31
C ARG A 19 -8.95 -2.67 -8.93
N LEU A 20 -9.10 -3.94 -8.56
CA LEU A 20 -8.25 -5.00 -9.08
C LEU A 20 -9.06 -6.28 -9.30
N THR A 21 -8.55 -7.15 -10.17
CA THR A 21 -9.22 -8.41 -10.46
C THR A 21 -8.45 -9.59 -9.87
N ARG A 22 -7.18 -9.72 -10.26
CA ARG A 22 -6.34 -10.80 -9.76
C ARG A 22 -4.91 -10.32 -9.53
N SER A 23 -4.50 -10.28 -8.26
CA SER A 23 -3.15 -9.84 -7.91
C SER A 23 -2.73 -10.42 -6.57
N LEU A 24 -1.42 -10.39 -6.31
CA LEU A 24 -0.88 -10.92 -5.06
C LEU A 24 -1.38 -10.11 -3.87
N CYS A 25 -1.38 -8.79 -4.01
CA CYS A 25 -1.84 -7.90 -2.95
C CYS A 25 -2.56 -6.69 -3.52
N ALA A 26 -3.36 -6.04 -2.68
CA ALA A 26 -4.11 -4.86 -3.12
C ALA A 26 -3.91 -3.71 -2.13
N CYS A 27 -3.28 -2.64 -2.60
CA CYS A 27 -3.02 -1.46 -1.78
C CYS A 27 -4.14 -0.44 -1.92
N SER A 28 -5.38 -0.92 -1.90
CA SER A 28 -6.54 -0.04 -2.04
C SER A 28 -7.41 -0.09 -0.78
N ASP A 29 -8.48 0.70 -0.79
CA ASP A 29 -9.39 0.74 0.35
C ASP A 29 -10.17 -0.56 0.48
N ASP A 30 -10.52 -1.15 -0.66
CA ASP A 30 -11.27 -2.40 -0.67
C ASP A 30 -10.32 -3.60 -0.62
N CYS A 31 -9.22 -3.45 0.11
CA CYS A 31 -8.24 -4.52 0.24
C CYS A 31 -8.42 -5.28 1.56
N LYS A 32 -8.80 -4.55 2.60
CA LYS A 32 -9.01 -5.15 3.92
C LYS A 32 -10.22 -6.08 3.90
N ASP A 33 -11.38 -5.54 3.55
CA ASP A 33 -12.60 -6.33 3.49
C ASP A 33 -12.35 -7.67 2.81
N GLN A 34 -11.56 -7.66 1.74
CA GLN A 34 -11.25 -8.87 1.00
C GLN A 34 -10.12 -9.63 1.67
N GLY A 35 -8.93 -9.03 1.69
CA GLY A 35 -7.78 -9.68 2.31
C GLY A 35 -6.61 -9.82 1.36
N ASP A 36 -6.23 -8.73 0.72
CA ASP A 36 -5.11 -8.73 -0.23
C ASP A 36 -4.05 -7.72 0.18
N CYS A 37 -4.44 -6.76 1.03
CA CYS A 37 -3.51 -5.74 1.49
C CYS A 37 -2.10 -6.29 1.62
N CYS A 38 -1.18 -5.77 0.81
CA CYS A 38 0.20 -6.21 0.83
C CYS A 38 0.73 -6.30 2.26
N ILE A 39 1.61 -7.26 2.50
CA ILE A 39 2.18 -7.46 3.84
C ILE A 39 2.56 -6.12 4.46
N ASN A 40 3.22 -5.27 3.69
CA ASN A 40 3.65 -3.96 4.16
C ASN A 40 2.62 -2.89 3.79
N TYR A 41 1.35 -3.27 3.81
CA TYR A 41 0.27 -2.34 3.48
C TYR A 41 0.12 -1.26 4.55
N SER A 42 -0.18 -1.70 5.77
CA SER A 42 -0.36 -0.79 6.89
C SER A 42 0.98 -0.18 7.31
N SER A 43 2.03 -1.00 7.27
CA SER A 43 3.37 -0.56 7.66
C SER A 43 3.77 0.68 6.86
N VAL A 44 3.34 0.75 5.61
CA VAL A 44 3.66 1.87 4.75
C VAL A 44 2.54 2.90 4.75
N CYS A 45 1.32 2.45 4.49
CA CYS A 45 0.16 3.33 4.47
C CYS A 45 -0.22 3.78 5.87
N GLN A 46 -0.74 2.84 6.66
CA GLN A 46 -1.15 3.14 8.03
C GLN A 46 0.06 3.14 8.96
N GLY A 47 0.79 4.25 8.97
CA GLY A 47 1.96 4.36 9.82
C GLY A 47 1.62 4.20 11.29
N GLU A 48 2.35 4.93 12.14
CA GLU A 48 2.12 4.87 13.58
C GLU A 48 1.43 6.14 14.07
N LYS A 49 0.23 5.96 14.64
CA LYS A 49 -0.53 7.10 15.16
C LYS A 49 -0.81 6.93 16.65
N SER A 50 0.21 6.48 17.38
CA SER A 50 0.08 6.28 18.81
C SER A 50 -0.79 7.36 19.45
N SER A 51 -0.48 8.62 19.14
CA SER A 51 -1.22 9.75 19.67
C SER A 51 -2.27 10.22 18.66
N GLY A 52 -3.47 10.51 19.16
CA GLY A 52 -4.55 10.97 18.31
C GLY A 52 -4.25 12.32 17.69
N PRO A 53 -4.47 13.39 18.47
CA PRO A 53 -4.24 14.76 18.02
C PRO A 53 -2.75 15.08 17.85
N SER A 54 -2.21 14.76 16.68
CA SER A 54 -0.80 15.01 16.40
C SER A 54 -0.56 16.48 16.07
N SER A 55 -1.32 17.00 15.12
CA SER A 55 -1.18 18.40 14.71
C SER A 55 -1.11 19.31 15.92
N GLY A 56 -2.03 19.11 16.86
CA GLY A 56 -2.07 19.92 18.06
C GLY A 56 -0.69 20.08 18.69
N GLY A 1 6.58 11.67 -14.83
CA GLY A 1 7.99 11.37 -14.66
C GLY A 1 8.25 10.49 -13.46
N SER A 2 9.16 10.93 -12.59
CA SER A 2 9.51 10.18 -11.39
C SER A 2 8.86 10.79 -10.15
N SER A 3 7.69 10.27 -9.77
CA SER A 3 6.96 10.77 -8.62
C SER A 3 7.07 9.79 -7.45
N GLY A 4 6.54 8.58 -7.66
CA GLY A 4 6.58 7.58 -6.61
C GLY A 4 7.31 6.32 -7.05
N SER A 5 7.14 5.25 -6.29
CA SER A 5 7.80 3.98 -6.59
C SER A 5 6.80 2.84 -6.62
N SER A 6 6.39 2.44 -7.83
CA SER A 6 5.43 1.36 -8.00
C SER A 6 6.13 0.01 -8.06
N GLY A 7 5.69 -0.92 -7.22
CA GLY A 7 6.29 -2.25 -7.19
C GLY A 7 5.80 -3.08 -6.04
N TRP A 8 4.54 -3.51 -6.12
CA TRP A 8 3.95 -4.32 -5.06
C TRP A 8 4.32 -3.80 -3.68
N THR A 9 4.36 -2.48 -3.55
CA THR A 9 4.71 -1.85 -2.29
C THR A 9 3.86 -0.61 -2.03
N CYS A 10 2.91 -0.73 -1.10
CA CYS A 10 2.02 0.37 -0.78
C CYS A 10 2.82 1.64 -0.46
N ASN A 11 2.22 2.79 -0.71
CA ASN A 11 2.88 4.08 -0.46
C ASN A 11 1.91 5.06 0.19
N LYS A 12 2.42 5.84 1.14
CA LYS A 12 1.60 6.82 1.83
C LYS A 12 0.56 7.43 0.90
N PHE A 13 1.00 7.83 -0.29
CA PHE A 13 0.11 8.43 -1.28
C PHE A 13 -0.95 7.41 -1.73
N ARG A 14 -0.49 6.28 -2.24
CA ARG A 14 -1.39 5.23 -2.71
C ARG A 14 -2.52 5.00 -1.70
N CYS A 15 -2.15 4.87 -0.44
CA CYS A 15 -3.14 4.64 0.62
C CYS A 15 -4.43 5.37 0.32
N GLY A 16 -5.45 4.60 -0.08
CA GLY A 16 -6.74 5.20 -0.40
C GLY A 16 -6.97 5.32 -1.88
N GLU A 17 -6.74 4.24 -2.61
CA GLU A 17 -6.92 4.24 -4.06
C GLU A 17 -8.15 3.41 -4.46
N LYS A 18 -8.46 3.40 -5.74
CA LYS A 18 -9.61 2.66 -6.25
C LYS A 18 -9.44 1.16 -6.01
N ARG A 19 -10.47 0.40 -6.31
CA ARG A 19 -10.45 -1.04 -6.13
C ARG A 19 -9.64 -1.71 -7.23
N LEU A 20 -8.99 -2.82 -6.89
CA LEU A 20 -8.17 -3.56 -7.85
C LEU A 20 -8.80 -4.92 -8.16
N THR A 21 -9.18 -5.12 -9.42
CA THR A 21 -9.79 -6.38 -9.84
C THR A 21 -8.82 -7.53 -9.70
N ARG A 22 -7.68 -7.42 -10.38
CA ARG A 22 -6.66 -8.46 -10.33
C ARG A 22 -5.29 -7.87 -10.00
N SER A 23 -4.80 -8.14 -8.80
CA SER A 23 -3.51 -7.64 -8.36
C SER A 23 -3.07 -8.31 -7.06
N LEU A 24 -1.83 -8.79 -7.04
CA LEU A 24 -1.28 -9.45 -5.85
C LEU A 24 -1.81 -8.80 -4.58
N CYS A 25 -1.72 -7.48 -4.51
CA CYS A 25 -2.18 -6.74 -3.35
C CYS A 25 -2.99 -5.51 -3.76
N ALA A 26 -3.52 -4.79 -2.79
CA ALA A 26 -4.31 -3.60 -3.05
C ALA A 26 -4.28 -2.65 -1.86
N CYS A 27 -3.89 -1.40 -2.11
CA CYS A 27 -3.82 -0.40 -1.06
C CYS A 27 -5.14 0.35 -0.93
N SER A 28 -6.24 -0.39 -1.00
CA SER A 28 -7.57 0.21 -0.89
C SER A 28 -8.44 -0.56 0.09
N ASP A 29 -9.43 0.11 0.66
CA ASP A 29 -10.33 -0.51 1.61
C ASP A 29 -10.79 -1.88 1.12
N ASP A 30 -11.06 -1.97 -0.17
CA ASP A 30 -11.52 -3.21 -0.78
C ASP A 30 -10.67 -4.39 -0.30
N CYS A 31 -9.37 -4.15 -0.15
CA CYS A 31 -8.45 -5.18 0.29
C CYS A 31 -8.77 -5.61 1.72
N LYS A 32 -9.05 -4.63 2.58
CA LYS A 32 -9.37 -4.92 3.97
C LYS A 32 -10.55 -5.89 4.07
N ASP A 33 -11.60 -5.62 3.31
CA ASP A 33 -12.78 -6.48 3.32
C ASP A 33 -12.48 -7.82 2.67
N GLN A 34 -12.06 -7.80 1.40
CA GLN A 34 -11.74 -9.01 0.68
C GLN A 34 -10.60 -9.77 1.35
N GLY A 35 -9.44 -9.12 1.45
CA GLY A 35 -8.30 -9.74 2.07
C GLY A 35 -7.13 -9.90 1.11
N ASP A 36 -6.85 -8.85 0.34
CA ASP A 36 -5.75 -8.87 -0.62
C ASP A 36 -4.91 -7.61 -0.51
N CYS A 37 -4.50 -7.28 0.72
CA CYS A 37 -3.69 -6.09 0.96
C CYS A 37 -2.21 -6.41 0.79
N CYS A 38 -1.41 -5.36 0.64
CA CYS A 38 0.03 -5.52 0.47
C CYS A 38 0.71 -5.85 1.79
N ILE A 39 1.65 -6.80 1.76
CA ILE A 39 2.37 -7.20 2.95
C ILE A 39 2.83 -5.99 3.76
N ASN A 40 3.14 -4.91 3.06
CA ASN A 40 3.61 -3.69 3.70
C ASN A 40 2.57 -2.58 3.55
N TYR A 41 1.31 -2.92 3.77
CA TYR A 41 0.22 -1.95 3.66
C TYR A 41 0.23 -0.98 4.83
N SER A 42 0.14 -1.52 6.04
CA SER A 42 0.14 -0.71 7.25
C SER A 42 1.52 -0.11 7.51
N SER A 43 2.55 -0.93 7.32
CA SER A 43 3.93 -0.50 7.54
C SER A 43 4.21 0.80 6.80
N VAL A 44 3.67 0.91 5.59
CA VAL A 44 3.87 2.10 4.77
C VAL A 44 2.77 3.13 5.03
N CYS A 45 1.52 2.70 4.96
CA CYS A 45 0.38 3.58 5.19
C CYS A 45 0.28 3.94 6.67
N GLN A 46 0.06 2.94 7.51
CA GLN A 46 -0.07 3.15 8.94
C GLN A 46 1.29 3.42 9.57
N GLY A 47 1.77 4.65 9.42
CA GLY A 47 3.06 5.03 9.98
C GLY A 47 3.19 6.52 10.20
N GLU A 48 4.34 6.94 10.69
CA GLU A 48 4.59 8.36 10.95
C GLU A 48 5.85 8.84 10.23
N LYS A 49 5.68 9.50 9.10
CA LYS A 49 6.80 10.01 8.32
C LYS A 49 7.11 11.45 8.70
N SER A 50 7.08 11.74 10.01
CA SER A 50 7.36 13.09 10.50
C SER A 50 6.35 14.09 9.95
N SER A 51 5.08 13.69 9.95
CA SER A 51 4.02 14.56 9.45
C SER A 51 3.68 15.64 10.46
N GLY A 52 4.28 16.83 10.26
CA GLY A 52 4.03 17.94 11.16
C GLY A 52 5.10 19.01 11.05
N PRO A 53 4.70 20.27 11.24
CA PRO A 53 5.61 21.42 11.17
C PRO A 53 6.58 21.46 12.34
N SER A 54 7.52 22.41 12.30
CA SER A 54 8.50 22.56 13.36
C SER A 54 7.91 23.31 14.55
N SER A 55 7.96 22.67 15.73
CA SER A 55 7.44 23.29 16.94
C SER A 55 7.65 24.79 16.93
N GLY A 56 6.62 25.53 17.31
CA GLY A 56 6.72 26.98 17.34
C GLY A 56 6.04 27.59 18.56
N GLY A 1 15.43 -8.73 1.53
CA GLY A 1 16.13 -7.60 0.96
C GLY A 1 16.85 -7.94 -0.32
N SER A 2 16.24 -7.59 -1.45
CA SER A 2 16.83 -7.87 -2.76
C SER A 2 16.50 -6.76 -3.75
N SER A 3 17.29 -6.69 -4.82
CA SER A 3 17.09 -5.67 -5.84
C SER A 3 15.62 -5.57 -6.22
N GLY A 4 14.97 -6.72 -6.41
CA GLY A 4 13.57 -6.74 -6.78
C GLY A 4 12.68 -6.22 -5.66
N SER A 5 12.21 -4.99 -5.80
CA SER A 5 11.35 -4.38 -4.80
C SER A 5 9.88 -4.47 -5.22
N SER A 6 9.59 -4.05 -6.44
CA SER A 6 8.23 -4.07 -6.96
C SER A 6 7.62 -5.47 -6.80
N GLY A 7 6.85 -5.65 -5.74
CA GLY A 7 6.22 -6.93 -5.49
C GLY A 7 5.21 -6.87 -4.35
N TRP A 8 5.64 -7.31 -3.18
CA TRP A 8 4.77 -7.31 -2.01
C TRP A 8 5.08 -6.14 -1.09
N THR A 9 5.34 -4.98 -1.69
CA THR A 9 5.66 -3.77 -0.94
C THR A 9 4.94 -2.56 -1.51
N CYS A 10 4.07 -1.96 -0.70
CA CYS A 10 3.32 -0.78 -1.12
C CYS A 10 4.13 0.49 -0.93
N ASN A 11 3.70 1.57 -1.57
CA ASN A 11 4.40 2.86 -1.46
C ASN A 11 3.44 3.95 -1.02
N LYS A 12 3.99 5.07 -0.54
CA LYS A 12 3.20 6.20 -0.09
C LYS A 12 2.17 6.60 -1.16
N PHE A 13 2.67 6.89 -2.36
CA PHE A 13 1.81 7.30 -3.46
C PHE A 13 0.72 6.24 -3.71
N ARG A 14 1.14 4.98 -3.79
CA ARG A 14 0.21 3.89 -4.02
C ARG A 14 -1.03 4.01 -3.14
N CYS A 15 -0.80 4.11 -1.84
CA CYS A 15 -1.89 4.24 -0.86
C CYS A 15 -2.95 5.20 -1.39
N GLY A 16 -4.16 4.68 -1.59
CA GLY A 16 -5.26 5.50 -2.09
C GLY A 16 -5.46 5.36 -3.58
N GLU A 17 -5.36 4.13 -4.07
CA GLU A 17 -5.55 3.86 -5.50
C GLU A 17 -6.60 2.78 -5.73
N LYS A 18 -7.22 2.81 -6.90
CA LYS A 18 -8.26 1.84 -7.24
C LYS A 18 -8.06 1.30 -8.65
N ARG A 19 -6.79 1.15 -9.04
CA ARG A 19 -6.46 0.64 -10.37
C ARG A 19 -5.10 -0.03 -10.37
N LEU A 20 -5.06 -1.29 -10.80
CA LEU A 20 -3.81 -2.04 -10.85
C LEU A 20 -3.86 -3.11 -11.93
N THR A 21 -2.75 -3.84 -12.10
CA THR A 21 -2.68 -4.90 -13.09
C THR A 21 -2.13 -6.18 -12.49
N ARG A 22 -2.95 -7.23 -12.46
CA ARG A 22 -2.53 -8.51 -11.90
C ARG A 22 -1.56 -8.31 -10.73
N SER A 23 -1.87 -7.32 -9.89
CA SER A 23 -1.03 -7.03 -8.74
C SER A 23 -1.26 -8.04 -7.62
N LEU A 24 -0.18 -8.66 -7.15
CA LEU A 24 -0.27 -9.65 -6.08
C LEU A 24 -1.10 -9.13 -4.92
N CYS A 25 -0.87 -7.87 -4.55
CA CYS A 25 -1.60 -7.25 -3.45
C CYS A 25 -2.11 -5.87 -3.85
N ALA A 26 -3.05 -5.33 -3.07
CA ALA A 26 -3.61 -4.02 -3.34
C ALA A 26 -3.21 -3.02 -2.27
N CYS A 27 -2.93 -1.79 -2.69
CA CYS A 27 -2.52 -0.74 -1.76
C CYS A 27 -3.68 0.22 -1.51
N SER A 28 -4.89 -0.32 -1.37
CA SER A 28 -6.07 0.50 -1.13
C SER A 28 -6.68 0.16 0.24
N ASP A 29 -7.44 1.11 0.77
CA ASP A 29 -8.10 0.92 2.06
C ASP A 29 -9.40 0.15 1.91
N ASP A 30 -9.43 -0.80 0.99
CA ASP A 30 -10.62 -1.60 0.74
C ASP A 30 -10.28 -3.09 0.75
N CYS A 31 -9.11 -3.43 0.21
CA CYS A 31 -8.67 -4.82 0.14
C CYS A 31 -8.85 -5.50 1.49
N LYS A 32 -8.51 -4.80 2.57
CA LYS A 32 -8.63 -5.33 3.92
C LYS A 32 -9.94 -6.11 4.07
N ASP A 33 -11.01 -5.58 3.51
CA ASP A 33 -12.32 -6.22 3.58
C ASP A 33 -12.30 -7.56 2.84
N GLN A 34 -11.72 -7.57 1.65
CA GLN A 34 -11.65 -8.79 0.85
C GLN A 34 -10.59 -9.73 1.39
N GLY A 35 -9.33 -9.27 1.38
CA GLY A 35 -8.25 -10.09 1.87
C GLY A 35 -7.13 -10.25 0.86
N ASP A 36 -6.79 -9.16 0.18
CA ASP A 36 -5.73 -9.19 -0.83
C ASP A 36 -4.81 -7.98 -0.67
N CYS A 37 -4.48 -7.65 0.57
CA CYS A 37 -3.61 -6.52 0.86
C CYS A 37 -2.15 -6.96 0.88
N CYS A 38 -1.24 -5.99 0.75
CA CYS A 38 0.19 -6.28 0.75
C CYS A 38 0.65 -6.71 2.15
N ILE A 39 1.86 -7.25 2.22
CA ILE A 39 2.42 -7.70 3.49
C ILE A 39 2.74 -6.52 4.40
N ASN A 40 3.05 -5.38 3.78
CA ASN A 40 3.38 -4.17 4.53
C ASN A 40 2.49 -3.01 4.12
N TYR A 41 1.20 -3.30 3.92
CA TYR A 41 0.24 -2.28 3.52
C TYR A 41 0.13 -1.19 4.57
N SER A 42 -0.23 -1.58 5.79
CA SER A 42 -0.37 -0.63 6.90
C SER A 42 0.99 -0.07 7.30
N SER A 43 2.00 -0.93 7.31
CA SER A 43 3.35 -0.51 7.68
C SER A 43 3.78 0.73 6.91
N VAL A 44 3.44 0.76 5.63
CA VAL A 44 3.79 1.90 4.77
C VAL A 44 2.67 2.93 4.77
N CYS A 45 1.46 2.48 4.48
CA CYS A 45 0.30 3.36 4.43
C CYS A 45 -0.01 3.92 5.81
N GLN A 46 -0.37 3.03 6.74
CA GLN A 46 -0.70 3.43 8.10
C GLN A 46 0.55 3.52 8.96
N GLY A 47 1.22 4.67 8.89
CA GLY A 47 2.43 4.88 9.66
C GLY A 47 2.15 5.15 11.13
N GLU A 48 3.07 4.72 12.00
CA GLU A 48 2.90 4.92 13.43
C GLU A 48 2.90 6.41 13.78
N LYS A 49 1.74 6.90 14.22
CA LYS A 49 1.60 8.30 14.59
C LYS A 49 2.25 8.57 15.94
N SER A 50 1.88 7.79 16.94
CA SER A 50 2.42 7.94 18.28
C SER A 50 3.73 7.17 18.44
N SER A 51 4.83 7.89 18.54
CA SER A 51 6.15 7.29 18.69
C SER A 51 6.72 7.53 20.08
N GLY A 52 7.40 6.52 20.62
CA GLY A 52 7.98 6.66 21.94
C GLY A 52 9.07 7.71 22.00
N PRO A 53 9.52 8.03 23.22
CA PRO A 53 10.57 9.04 23.44
C PRO A 53 11.92 8.58 22.95
N SER A 54 12.71 9.50 22.41
CA SER A 54 14.04 9.18 21.90
C SER A 54 14.91 10.43 21.81
N SER A 55 16.16 10.24 21.41
CA SER A 55 17.09 11.36 21.29
C SER A 55 16.40 12.59 20.70
N GLY A 56 16.36 13.66 21.48
CA GLY A 56 15.72 14.88 21.00
C GLY A 56 16.56 15.62 19.99
N GLY A 1 7.80 -9.02 -17.07
CA GLY A 1 6.44 -9.18 -16.60
C GLY A 1 6.37 -9.33 -15.09
N SER A 2 6.87 -8.33 -14.38
CA SER A 2 6.86 -8.36 -12.91
C SER A 2 7.21 -9.75 -12.39
N SER A 3 8.22 -10.37 -13.01
CA SER A 3 8.64 -11.71 -12.60
C SER A 3 9.89 -11.64 -11.72
N GLY A 4 10.84 -10.81 -12.12
CA GLY A 4 12.06 -10.66 -11.36
C GLY A 4 11.82 -10.16 -9.95
N SER A 5 11.32 -8.94 -9.84
CA SER A 5 11.04 -8.34 -8.54
C SER A 5 9.65 -8.75 -8.04
N SER A 6 9.53 -8.92 -6.72
CA SER A 6 8.26 -9.32 -6.12
C SER A 6 7.27 -8.15 -6.14
N GLY A 7 6.03 -8.45 -6.51
CA GLY A 7 5.00 -7.42 -6.56
C GLY A 7 4.22 -7.32 -5.27
N TRP A 8 4.94 -7.34 -4.14
CA TRP A 8 4.30 -7.25 -2.83
C TRP A 8 4.90 -6.12 -2.01
N THR A 9 4.64 -4.88 -2.44
CA THR A 9 5.15 -3.71 -1.74
C THR A 9 4.29 -2.48 -2.01
N CYS A 10 3.73 -1.91 -0.94
CA CYS A 10 2.87 -0.75 -1.07
C CYS A 10 3.65 0.53 -0.71
N ASN A 11 3.20 1.66 -1.26
CA ASN A 11 3.85 2.93 -1.00
C ASN A 11 2.81 4.00 -0.66
N LYS A 12 3.26 5.07 0.00
CA LYS A 12 2.38 6.16 0.38
C LYS A 12 1.47 6.56 -0.78
N PHE A 13 2.08 6.87 -1.91
CA PHE A 13 1.34 7.28 -3.09
C PHE A 13 0.32 6.21 -3.49
N ARG A 14 0.76 4.95 -3.47
CA ARG A 14 -0.12 3.84 -3.82
C ARG A 14 -1.40 3.87 -3.00
N CYS A 15 -1.25 3.92 -1.67
CA CYS A 15 -2.39 3.95 -0.77
C CYS A 15 -3.55 4.73 -1.38
N GLY A 16 -4.75 4.17 -1.32
CA GLY A 16 -5.91 4.82 -1.87
C GLY A 16 -5.87 4.91 -3.39
N GLU A 17 -5.70 3.76 -4.04
CA GLU A 17 -5.63 3.71 -5.50
C GLU A 17 -6.61 2.68 -6.06
N LYS A 18 -6.93 2.81 -7.33
CA LYS A 18 -7.85 1.89 -7.99
C LYS A 18 -7.32 1.45 -9.35
N ARG A 19 -6.03 1.15 -9.40
CA ARG A 19 -5.38 0.72 -10.64
C ARG A 19 -4.55 -0.54 -10.42
N LEU A 20 -5.16 -1.54 -9.79
CA LEU A 20 -4.47 -2.79 -9.52
C LEU A 20 -4.52 -3.73 -10.72
N THR A 21 -4.43 -3.14 -11.91
CA THR A 21 -4.46 -3.92 -13.15
C THR A 21 -3.45 -5.05 -13.12
N ARG A 22 -3.93 -6.26 -12.86
CA ARG A 22 -3.06 -7.44 -12.80
C ARG A 22 -2.07 -7.32 -11.64
N SER A 23 -2.47 -6.61 -10.59
CA SER A 23 -1.61 -6.42 -9.43
C SER A 23 -1.87 -7.51 -8.39
N LEU A 24 -0.78 -8.12 -7.92
CA LEU A 24 -0.88 -9.18 -6.93
C LEU A 24 -1.68 -8.71 -5.71
N CYS A 25 -1.28 -7.59 -5.13
CA CYS A 25 -1.95 -7.04 -3.97
C CYS A 25 -2.73 -5.77 -4.34
N ALA A 26 -3.35 -5.15 -3.34
CA ALA A 26 -4.11 -3.93 -3.55
C ALA A 26 -3.82 -2.89 -2.47
N CYS A 27 -3.21 -1.78 -2.87
CA CYS A 27 -2.88 -0.72 -1.93
C CYS A 27 -4.09 0.18 -1.67
N SER A 28 -5.26 -0.44 -1.55
CA SER A 28 -6.49 0.31 -1.31
C SER A 28 -7.27 -0.30 -0.15
N ASP A 29 -8.09 0.52 0.50
CA ASP A 29 -8.88 0.07 1.64
C ASP A 29 -9.67 -1.20 1.28
N ASP A 30 -10.32 -1.16 0.11
CA ASP A 30 -11.11 -2.31 -0.35
C ASP A 30 -10.43 -3.62 0.02
N CYS A 31 -9.09 -3.61 0.02
CA CYS A 31 -8.33 -4.80 0.34
C CYS A 31 -8.57 -5.23 1.79
N LYS A 32 -8.55 -4.28 2.70
CA LYS A 32 -8.77 -4.55 4.11
C LYS A 32 -9.92 -5.53 4.29
N ASP A 33 -10.96 -5.37 3.49
CA ASP A 33 -12.13 -6.25 3.57
C ASP A 33 -11.84 -7.60 2.93
N GLN A 34 -11.51 -7.58 1.64
CA GLN A 34 -11.20 -8.80 0.91
C GLN A 34 -10.10 -9.59 1.60
N GLY A 35 -8.92 -8.97 1.69
CA GLY A 35 -7.80 -9.63 2.32
C GLY A 35 -6.64 -9.87 1.37
N ASP A 36 -6.33 -8.86 0.56
CA ASP A 36 -5.25 -8.97 -0.41
C ASP A 36 -4.34 -7.75 -0.34
N CYS A 37 -4.05 -7.30 0.87
CA CYS A 37 -3.19 -6.14 1.07
C CYS A 37 -1.73 -6.57 1.19
N CYS A 38 -0.88 -5.97 0.36
CA CYS A 38 0.55 -6.29 0.35
C CYS A 38 1.04 -6.55 1.78
N ILE A 39 2.05 -7.41 1.88
CA ILE A 39 2.62 -7.74 3.18
C ILE A 39 2.88 -6.48 4.01
N ASN A 40 3.39 -5.45 3.35
CA ASN A 40 3.68 -4.19 4.02
C ASN A 40 2.72 -3.10 3.59
N TYR A 41 1.42 -3.39 3.67
CA TYR A 41 0.39 -2.44 3.28
C TYR A 41 0.06 -1.50 4.43
N SER A 42 -0.18 -2.07 5.61
CA SER A 42 -0.52 -1.29 6.79
C SER A 42 0.67 -0.47 7.25
N SER A 43 1.84 -1.10 7.29
CA SER A 43 3.06 -0.42 7.72
C SER A 43 3.29 0.85 6.90
N VAL A 44 3.17 0.74 5.58
CA VAL A 44 3.36 1.87 4.70
C VAL A 44 2.16 2.81 4.74
N CYS A 45 0.97 2.25 4.53
CA CYS A 45 -0.26 3.03 4.54
C CYS A 45 -0.71 3.32 5.96
N GLN A 46 -1.15 2.28 6.66
CA GLN A 46 -1.62 2.42 8.04
C GLN A 46 -0.47 2.87 8.96
N GLY A 47 -0.20 4.16 8.96
CA GLY A 47 0.87 4.69 9.78
C GLY A 47 1.61 5.84 9.13
N GLU A 48 1.74 6.95 9.85
CA GLU A 48 2.43 8.12 9.34
C GLU A 48 3.94 7.91 9.30
N LYS A 49 4.56 8.23 8.18
CA LYS A 49 6.00 8.08 8.02
C LYS A 49 6.67 9.42 7.77
N SER A 50 6.21 10.11 6.73
CA SER A 50 6.77 11.42 6.38
C SER A 50 5.74 12.52 6.60
N SER A 51 6.05 13.45 7.51
CA SER A 51 5.16 14.56 7.81
C SER A 51 4.97 15.46 6.60
N GLY A 52 3.84 15.31 5.92
CA GLY A 52 3.57 16.12 4.75
C GLY A 52 2.08 16.29 4.50
N PRO A 53 1.46 17.26 5.20
CA PRO A 53 0.03 17.55 5.07
C PRO A 53 -0.31 18.17 3.71
N SER A 54 0.69 18.31 2.86
CA SER A 54 0.50 18.88 1.53
C SER A 54 -0.25 17.91 0.62
N SER A 55 -0.72 18.42 -0.51
CA SER A 55 -1.46 17.61 -1.47
C SER A 55 -0.51 16.99 -2.50
N GLY A 56 0.63 16.51 -2.03
CA GLY A 56 1.61 15.91 -2.92
C GLY A 56 2.74 15.22 -2.17
N GLY A 1 15.81 -2.44 -17.52
CA GLY A 1 16.69 -2.46 -16.36
C GLY A 1 15.95 -2.79 -15.08
N SER A 2 15.53 -1.75 -14.36
CA SER A 2 14.82 -1.94 -13.10
C SER A 2 13.33 -2.16 -13.34
N SER A 3 12.81 -3.27 -12.84
CA SER A 3 11.40 -3.61 -13.00
C SER A 3 10.68 -3.60 -11.66
N GLY A 4 10.28 -2.41 -11.21
CA GLY A 4 9.59 -2.30 -9.94
C GLY A 4 8.18 -1.76 -10.11
N SER A 5 7.41 -2.39 -10.97
CA SER A 5 6.03 -1.96 -11.21
C SER A 5 5.03 -2.94 -10.60
N SER A 6 5.27 -4.23 -10.83
CA SER A 6 4.39 -5.27 -10.31
C SER A 6 5.12 -6.11 -9.26
N GLY A 7 5.04 -5.67 -8.01
CA GLY A 7 5.69 -6.40 -6.93
C GLY A 7 4.76 -6.66 -5.77
N TRP A 8 5.34 -6.82 -4.58
CA TRP A 8 4.55 -7.08 -3.37
C TRP A 8 4.88 -6.07 -2.28
N THR A 9 5.01 -4.81 -2.66
CA THR A 9 5.32 -3.74 -1.70
C THR A 9 4.52 -2.47 -2.01
N CYS A 10 3.78 -2.00 -1.02
CA CYS A 10 2.97 -0.80 -1.18
C CYS A 10 3.84 0.45 -1.06
N ASN A 11 3.24 1.60 -1.38
CA ASN A 11 3.95 2.88 -1.32
C ASN A 11 3.04 3.99 -0.83
N LYS A 12 3.62 5.15 -0.55
CA LYS A 12 2.87 6.30 -0.08
C LYS A 12 1.74 6.65 -1.05
N PHE A 13 2.10 6.82 -2.32
CA PHE A 13 1.12 7.15 -3.35
C PHE A 13 0.05 6.08 -3.46
N ARG A 14 0.49 4.82 -3.44
CA ARG A 14 -0.44 3.69 -3.53
C ARG A 14 -1.63 3.89 -2.60
N CYS A 15 -1.35 4.30 -1.37
CA CYS A 15 -2.40 4.53 -0.38
C CYS A 15 -3.58 5.27 -1.00
N GLY A 16 -4.62 4.52 -1.35
CA GLY A 16 -5.80 5.12 -1.95
C GLY A 16 -5.86 4.91 -3.45
N GLU A 17 -5.54 3.70 -3.89
CA GLU A 17 -5.56 3.39 -5.31
C GLU A 17 -6.95 2.97 -5.76
N LYS A 18 -7.11 2.77 -7.06
CA LYS A 18 -8.40 2.37 -7.63
C LYS A 18 -8.50 0.85 -7.75
N ARG A 19 -9.67 0.37 -8.17
CA ARG A 19 -9.89 -1.06 -8.33
C ARG A 19 -9.10 -1.61 -9.52
N LEU A 20 -7.90 -2.12 -9.23
CA LEU A 20 -7.05 -2.68 -10.27
C LEU A 20 -7.18 -4.19 -10.34
N THR A 21 -6.78 -4.77 -11.46
CA THR A 21 -6.86 -6.21 -11.65
C THR A 21 -5.46 -6.83 -11.77
N ARG A 22 -4.64 -6.25 -12.62
CA ARG A 22 -3.28 -6.74 -12.83
C ARG A 22 -2.34 -6.22 -11.75
N SER A 23 -2.81 -6.26 -10.50
CA SER A 23 -2.01 -5.78 -9.37
C SER A 23 -1.92 -6.87 -8.29
N LEU A 24 -0.72 -7.41 -8.12
CA LEU A 24 -0.49 -8.45 -7.12
C LEU A 24 -1.27 -8.16 -5.84
N CYS A 25 -1.10 -6.95 -5.32
CA CYS A 25 -1.79 -6.55 -4.10
C CYS A 25 -2.57 -5.25 -4.32
N ALA A 26 -3.34 -4.86 -3.31
CA ALA A 26 -4.14 -3.64 -3.40
C ALA A 26 -3.97 -2.79 -2.14
N CYS A 27 -3.39 -1.60 -2.31
CA CYS A 27 -3.17 -0.69 -1.19
C CYS A 27 -4.38 0.21 -0.98
N SER A 28 -5.57 -0.34 -1.17
CA SER A 28 -6.81 0.42 -1.01
C SER A 28 -7.58 -0.08 0.21
N ASP A 29 -8.54 0.73 0.65
CA ASP A 29 -9.36 0.38 1.81
C ASP A 29 -10.12 -0.92 1.55
N ASP A 30 -10.68 -1.06 0.35
CA ASP A 30 -11.43 -2.26 -0.01
C ASP A 30 -10.67 -3.52 0.41
N CYS A 31 -9.36 -3.51 0.19
CA CYS A 31 -8.53 -4.65 0.53
C CYS A 31 -8.89 -5.21 1.91
N LYS A 32 -9.09 -4.30 2.87
CA LYS A 32 -9.46 -4.70 4.22
C LYS A 32 -10.54 -5.77 4.21
N ASP A 33 -11.49 -5.63 3.29
CA ASP A 33 -12.59 -6.57 3.16
C ASP A 33 -12.09 -7.92 2.65
N GLN A 34 -11.52 -7.92 1.45
CA GLN A 34 -11.00 -9.15 0.84
C GLN A 34 -9.71 -9.58 1.53
N GLY A 35 -8.68 -8.75 1.45
CA GLY A 35 -7.41 -9.07 2.06
C GLY A 35 -6.31 -9.29 1.04
N ASP A 36 -6.12 -8.30 0.16
CA ASP A 36 -5.08 -8.39 -0.86
C ASP A 36 -3.92 -7.45 -0.55
N CYS A 37 -4.18 -6.44 0.28
CA CYS A 37 -3.15 -5.48 0.66
C CYS A 37 -1.80 -6.17 0.81
N CYS A 38 -0.79 -5.60 0.16
CA CYS A 38 0.57 -6.15 0.22
C CYS A 38 0.93 -6.54 1.65
N ILE A 39 2.03 -7.26 1.79
CA ILE A 39 2.49 -7.70 3.10
C ILE A 39 2.75 -6.51 4.02
N ASN A 40 3.24 -5.42 3.44
CA ASN A 40 3.54 -4.22 4.21
C ASN A 40 2.64 -3.06 3.76
N TYR A 41 1.33 -3.29 3.82
CA TYR A 41 0.36 -2.28 3.42
C TYR A 41 0.26 -1.18 4.47
N SER A 42 -0.19 -1.55 5.67
CA SER A 42 -0.33 -0.60 6.77
C SER A 42 1.03 -0.11 7.24
N SER A 43 2.01 -1.00 7.24
CA SER A 43 3.36 -0.65 7.67
C SER A 43 3.88 0.57 6.90
N VAL A 44 3.48 0.68 5.64
CA VAL A 44 3.90 1.79 4.80
C VAL A 44 2.87 2.92 4.82
N CYS A 45 1.62 2.56 4.59
CA CYS A 45 0.53 3.54 4.58
C CYS A 45 0.17 3.95 6.00
N GLN A 46 -0.41 3.03 6.75
CA GLN A 46 -0.81 3.30 8.13
C GLN A 46 0.35 3.08 9.08
N GLY A 47 1.19 4.11 9.24
CA GLY A 47 2.33 4.02 10.12
C GLY A 47 3.04 5.35 10.30
N GLU A 48 3.36 5.68 11.54
CA GLU A 48 4.04 6.94 11.83
C GLU A 48 5.38 7.02 11.09
N LYS A 49 5.39 7.76 9.98
CA LYS A 49 6.59 7.92 9.18
C LYS A 49 7.07 9.37 9.20
N SER A 50 8.37 9.56 9.07
CA SER A 50 8.96 10.90 9.08
C SER A 50 9.11 11.43 7.66
N SER A 51 8.67 12.67 7.45
CA SER A 51 8.75 13.30 6.13
C SER A 51 10.21 13.47 5.70
N GLY A 52 10.73 12.47 5.00
CA GLY A 52 12.10 12.52 4.54
C GLY A 52 12.44 11.39 3.59
N PRO A 53 13.27 11.70 2.59
CA PRO A 53 13.70 10.71 1.58
C PRO A 53 14.62 9.65 2.17
N SER A 54 14.52 8.43 1.63
CA SER A 54 15.35 7.33 2.10
C SER A 54 16.19 6.75 0.97
N SER A 55 17.33 6.18 1.31
CA SER A 55 18.22 5.59 0.32
C SER A 55 18.12 4.07 0.33
N GLY A 56 18.80 3.44 -0.63
CA GLY A 56 18.77 1.99 -0.71
C GLY A 56 19.66 1.33 0.32
N GLY A 1 2.39 -1.27 -27.42
CA GLY A 1 2.94 -1.51 -26.10
C GLY A 1 2.01 -1.07 -24.99
N SER A 2 2.37 -1.40 -23.75
CA SER A 2 1.55 -1.04 -22.61
C SER A 2 2.43 -0.59 -21.43
N SER A 3 1.86 0.24 -20.56
CA SER A 3 2.60 0.74 -19.42
C SER A 3 2.16 0.03 -18.14
N GLY A 4 3.09 -0.69 -17.52
CA GLY A 4 2.79 -1.42 -16.30
C GLY A 4 2.62 -0.50 -15.11
N SER A 5 1.61 -0.79 -14.29
CA SER A 5 1.34 0.03 -13.11
C SER A 5 2.29 -0.32 -11.98
N SER A 6 2.81 -1.54 -12.00
CA SER A 6 3.74 -2.00 -10.98
C SER A 6 3.16 -1.78 -9.58
N GLY A 7 1.90 -2.17 -9.39
CA GLY A 7 1.25 -2.01 -8.11
C GLY A 7 1.48 -3.18 -7.19
N TRP A 8 2.74 -3.45 -6.86
CA TRP A 8 3.09 -4.55 -5.99
C TRP A 8 3.46 -4.05 -4.60
N THR A 9 4.28 -3.01 -4.54
CA THR A 9 4.70 -2.44 -3.27
C THR A 9 3.86 -1.22 -2.91
N CYS A 10 3.11 -1.32 -1.81
CA CYS A 10 2.26 -0.23 -1.37
C CYS A 10 3.11 0.96 -0.92
N ASN A 11 2.69 2.16 -1.34
CA ASN A 11 3.41 3.38 -0.99
C ASN A 11 2.45 4.41 -0.38
N LYS A 12 3.02 5.41 0.28
CA LYS A 12 2.23 6.47 0.90
C LYS A 12 1.14 6.96 -0.05
N PHE A 13 1.57 7.47 -1.20
CA PHE A 13 0.63 7.98 -2.21
C PHE A 13 -0.41 6.91 -2.56
N ARG A 14 0.07 5.76 -3.02
CA ARG A 14 -0.81 4.66 -3.40
C ARG A 14 -1.99 4.56 -2.44
N CYS A 15 -1.71 4.57 -1.15
CA CYS A 15 -2.74 4.47 -0.13
C CYS A 15 -4.02 5.16 -0.60
N GLY A 16 -4.92 4.37 -1.19
CA GLY A 16 -6.18 4.92 -1.68
C GLY A 16 -6.24 4.99 -3.19
N GLU A 17 -5.88 3.88 -3.84
CA GLU A 17 -5.89 3.82 -5.29
C GLU A 17 -6.83 2.74 -5.79
N LYS A 18 -7.31 2.88 -7.02
CA LYS A 18 -8.22 1.91 -7.61
C LYS A 18 -7.81 1.57 -9.04
N ARG A 19 -6.82 0.71 -9.18
CA ARG A 19 -6.33 0.30 -10.50
C ARG A 19 -5.34 -0.85 -10.40
N LEU A 20 -5.76 -2.03 -10.84
CA LEU A 20 -4.91 -3.22 -10.80
C LEU A 20 -5.56 -4.38 -11.51
N THR A 21 -4.74 -5.32 -11.97
CA THR A 21 -5.24 -6.49 -12.68
C THR A 21 -4.51 -7.76 -12.25
N ARG A 22 -5.17 -8.58 -11.45
CA ARG A 22 -4.58 -9.82 -10.97
C ARG A 22 -3.12 -9.61 -10.59
N SER A 23 -2.85 -8.56 -9.82
CA SER A 23 -1.49 -8.25 -9.39
C SER A 23 -1.18 -8.91 -8.06
N LEU A 24 0.11 -8.97 -7.71
CA LEU A 24 0.54 -9.57 -6.46
C LEU A 24 -0.43 -9.25 -5.33
N CYS A 25 -0.76 -7.97 -5.20
CA CYS A 25 -1.69 -7.52 -4.16
C CYS A 25 -2.28 -6.16 -4.51
N ALA A 26 -3.18 -5.67 -3.65
CA ALA A 26 -3.82 -4.39 -3.87
C ALA A 26 -3.54 -3.43 -2.72
N CYS A 27 -3.56 -2.13 -3.01
CA CYS A 27 -3.31 -1.12 -2.00
C CYS A 27 -4.51 -0.20 -1.84
N SER A 28 -5.70 -0.80 -1.79
CA SER A 28 -6.93 -0.03 -1.64
C SER A 28 -7.74 -0.53 -0.44
N ASP A 29 -8.74 0.25 -0.05
CA ASP A 29 -9.59 -0.10 1.08
C ASP A 29 -10.23 -1.47 0.87
N ASP A 30 -10.67 -1.72 -0.35
CA ASP A 30 -11.30 -2.99 -0.68
C ASP A 30 -10.48 -4.17 -0.14
N CYS A 31 -9.16 -4.00 -0.14
CA CYS A 31 -8.26 -5.04 0.34
C CYS A 31 -8.52 -5.34 1.81
N LYS A 32 -8.72 -4.28 2.60
CA LYS A 32 -8.97 -4.43 4.02
C LYS A 32 -10.08 -5.44 4.28
N ASP A 33 -11.10 -5.41 3.44
CA ASP A 33 -12.23 -6.33 3.58
C ASP A 33 -11.91 -7.68 2.95
N GLN A 34 -11.58 -7.67 1.66
CA GLN A 34 -11.26 -8.91 0.96
C GLN A 34 -10.11 -9.64 1.65
N GLY A 35 -8.97 -8.96 1.76
CA GLY A 35 -7.81 -9.56 2.39
C GLY A 35 -6.67 -9.79 1.41
N ASP A 36 -6.41 -8.80 0.57
CA ASP A 36 -5.34 -8.89 -0.41
C ASP A 36 -4.42 -7.68 -0.35
N CYS A 37 -4.12 -7.24 0.87
CA CYS A 37 -3.25 -6.09 1.07
C CYS A 37 -1.78 -6.50 1.11
N CYS A 38 -0.94 -5.74 0.43
CA CYS A 38 0.49 -6.02 0.39
C CYS A 38 1.08 -6.04 1.80
N ILE A 39 1.99 -6.98 2.03
CA ILE A 39 2.64 -7.11 3.33
C ILE A 39 3.05 -5.75 3.88
N ASN A 40 3.34 -4.82 2.98
CA ASN A 40 3.75 -3.48 3.36
C ASN A 40 2.63 -2.48 3.11
N TYR A 41 1.41 -2.88 3.39
CA TYR A 41 0.25 -2.02 3.20
C TYR A 41 0.00 -1.14 4.42
N SER A 42 -0.25 -1.80 5.55
CA SER A 42 -0.52 -1.08 6.80
C SER A 42 0.76 -0.45 7.34
N SER A 43 1.87 -1.18 7.24
CA SER A 43 3.16 -0.69 7.72
C SER A 43 3.58 0.57 6.97
N VAL A 44 3.26 0.62 5.68
CA VAL A 44 3.60 1.77 4.85
C VAL A 44 2.53 2.86 4.96
N CYS A 45 1.28 2.49 4.75
CA CYS A 45 0.17 3.42 4.82
C CYS A 45 -0.09 3.85 6.26
N GLN A 46 -0.29 2.87 7.14
CA GLN A 46 -0.54 3.16 8.55
C GLN A 46 0.74 3.02 9.37
N GLY A 47 1.55 4.07 9.38
CA GLY A 47 2.79 4.05 10.12
C GLY A 47 2.95 5.26 11.02
N GLU A 48 3.24 5.02 12.30
CA GLU A 48 3.43 6.10 13.25
C GLU A 48 4.80 6.03 13.90
N LYS A 49 5.19 4.84 14.34
CA LYS A 49 6.48 4.64 14.98
C LYS A 49 7.61 4.81 13.97
N SER A 50 8.00 6.06 13.73
CA SER A 50 9.08 6.36 12.78
C SER A 50 10.21 5.35 12.91
N SER A 51 10.73 4.91 11.77
CA SER A 51 11.82 3.93 11.75
C SER A 51 12.87 4.31 10.71
N GLY A 52 14.13 4.28 11.11
CA GLY A 52 15.21 4.62 10.20
C GLY A 52 16.09 5.72 10.75
N PRO A 53 16.92 6.32 9.87
CA PRO A 53 17.84 7.40 10.24
C PRO A 53 17.10 8.69 10.58
N SER A 54 15.78 8.64 10.53
CA SER A 54 14.95 9.81 10.82
C SER A 54 15.60 10.67 11.90
N SER A 55 16.10 11.84 11.49
CA SER A 55 16.75 12.76 12.41
C SER A 55 15.76 13.78 12.95
N GLY A 56 16.09 14.38 14.09
CA GLY A 56 15.21 15.38 14.69
C GLY A 56 15.95 16.26 15.69
N GLY A 1 15.80 4.40 -13.37
CA GLY A 1 14.99 3.36 -12.80
C GLY A 1 13.60 3.84 -12.43
N SER A 2 12.92 4.47 -13.40
CA SER A 2 11.57 4.99 -13.17
C SER A 2 10.75 4.01 -12.34
N SER A 3 10.78 2.73 -12.73
CA SER A 3 10.03 1.70 -12.04
C SER A 3 10.98 0.72 -11.33
N GLY A 4 11.91 0.17 -12.09
CA GLY A 4 12.86 -0.78 -11.54
C GLY A 4 12.34 -2.20 -11.56
N SER A 5 11.70 -2.58 -12.66
CA SER A 5 11.15 -3.92 -12.80
C SER A 5 10.54 -4.40 -11.50
N SER A 6 9.80 -3.52 -10.83
CA SER A 6 9.16 -3.85 -9.56
C SER A 6 7.80 -3.19 -9.44
N GLY A 7 6.99 -3.66 -8.50
CA GLY A 7 5.67 -3.11 -8.31
C GLY A 7 4.83 -3.93 -7.34
N TRP A 8 5.45 -4.36 -6.25
CA TRP A 8 4.76 -5.16 -5.24
C TRP A 8 5.02 -4.61 -3.84
N THR A 9 5.08 -3.29 -3.73
CA THR A 9 5.32 -2.63 -2.45
C THR A 9 4.43 -1.41 -2.28
N CYS A 10 3.60 -1.42 -1.24
CA CYS A 10 2.70 -0.32 -0.96
C CYS A 10 3.47 0.94 -0.58
N ASN A 11 3.05 2.08 -1.08
CA ASN A 11 3.70 3.36 -0.79
C ASN A 11 2.68 4.41 -0.37
N LYS A 12 3.18 5.57 0.03
CA LYS A 12 2.31 6.67 0.47
C LYS A 12 1.24 6.96 -0.58
N PHE A 13 1.65 7.52 -1.71
CA PHE A 13 0.73 7.85 -2.78
C PHE A 13 -0.21 6.68 -3.07
N ARG A 14 0.38 5.50 -3.30
CA ARG A 14 -0.41 4.31 -3.60
C ARG A 14 -1.63 4.22 -2.68
N CYS A 15 -1.40 4.36 -1.39
CA CYS A 15 -2.48 4.29 -0.40
C CYS A 15 -3.77 4.87 -0.98
N GLY A 16 -4.61 3.99 -1.52
CA GLY A 16 -5.87 4.43 -2.09
C GLY A 16 -5.93 4.20 -3.59
N GLU A 17 -5.44 3.05 -4.03
CA GLU A 17 -5.44 2.71 -5.45
C GLU A 17 -6.67 1.88 -5.81
N LYS A 18 -7.02 1.88 -7.09
CA LYS A 18 -8.17 1.12 -7.57
C LYS A 18 -7.86 0.40 -8.87
N ARG A 19 -8.83 -0.32 -9.40
CA ARG A 19 -8.65 -1.06 -10.65
C ARG A 19 -7.50 -2.05 -10.54
N LEU A 20 -7.58 -2.92 -9.53
CA LEU A 20 -6.55 -3.93 -9.31
C LEU A 20 -7.04 -5.32 -9.71
N THR A 21 -6.44 -5.89 -10.74
CA THR A 21 -6.82 -7.21 -11.21
C THR A 21 -5.66 -8.18 -11.13
N ARG A 22 -5.96 -9.45 -10.89
CA ARG A 22 -4.93 -10.48 -10.79
C ARG A 22 -3.63 -9.89 -10.25
N SER A 23 -3.74 -8.98 -9.28
CA SER A 23 -2.57 -8.35 -8.69
C SER A 23 -2.22 -9.00 -7.36
N LEU A 24 -1.02 -9.56 -7.29
CA LEU A 24 -0.55 -10.21 -6.07
C LEU A 24 -1.09 -9.51 -4.83
N CYS A 25 -1.00 -8.18 -4.83
CA CYS A 25 -1.49 -7.38 -3.71
C CYS A 25 -2.20 -6.13 -4.20
N ALA A 26 -2.97 -5.50 -3.31
CA ALA A 26 -3.70 -4.30 -3.65
C ALA A 26 -3.68 -3.29 -2.50
N CYS A 27 -3.10 -2.12 -2.75
CA CYS A 27 -3.01 -1.08 -1.73
C CYS A 27 -4.29 -0.23 -1.71
N SER A 28 -5.43 -0.90 -1.82
CA SER A 28 -6.72 -0.20 -1.82
C SER A 28 -7.45 -0.43 -0.50
N ASP A 29 -8.63 0.18 -0.37
CA ASP A 29 -9.43 0.04 0.84
C ASP A 29 -10.15 -1.29 0.87
N ASP A 30 -10.71 -1.67 -0.27
CA ASP A 30 -11.44 -2.93 -0.38
C ASP A 30 -10.58 -4.10 0.10
N CYS A 31 -9.29 -4.05 -0.21
CA CYS A 31 -8.36 -5.10 0.19
C CYS A 31 -8.50 -5.42 1.68
N LYS A 32 -8.65 -4.37 2.49
CA LYS A 32 -8.79 -4.54 3.92
C LYS A 32 -9.89 -5.56 4.25
N ASP A 33 -11.01 -5.44 3.56
CA ASP A 33 -12.14 -6.35 3.77
C ASP A 33 -11.90 -7.68 3.07
N GLN A 34 -11.73 -7.63 1.75
CA GLN A 34 -11.50 -8.83 0.96
C GLN A 34 -10.30 -9.60 1.49
N GLY A 35 -9.14 -8.95 1.50
CA GLY A 35 -7.93 -9.58 1.99
C GLY A 35 -6.87 -9.72 0.91
N ASP A 36 -6.65 -8.64 0.15
CA ASP A 36 -5.66 -8.65 -0.92
C ASP A 36 -4.72 -7.45 -0.78
N CYS A 37 -4.18 -7.27 0.42
CA CYS A 37 -3.26 -6.16 0.69
C CYS A 37 -1.81 -6.67 0.72
N CYS A 38 -0.90 -5.82 0.26
CA CYS A 38 0.51 -6.18 0.23
C CYS A 38 1.03 -6.47 1.65
N ILE A 39 2.26 -6.95 1.74
CA ILE A 39 2.86 -7.27 3.03
C ILE A 39 3.17 -5.99 3.81
N ASN A 40 3.38 -4.90 3.10
CA ASN A 40 3.68 -3.62 3.74
C ASN A 40 2.57 -2.60 3.46
N TYR A 41 1.33 -3.08 3.44
CA TYR A 41 0.19 -2.21 3.20
C TYR A 41 0.05 -1.16 4.29
N SER A 42 -0.30 -1.60 5.49
CA SER A 42 -0.46 -0.70 6.62
C SER A 42 0.89 -0.20 7.12
N SER A 43 1.82 -1.13 7.33
CA SER A 43 3.15 -0.78 7.81
C SER A 43 3.68 0.46 7.10
N VAL A 44 3.21 0.67 5.87
CA VAL A 44 3.64 1.82 5.08
C VAL A 44 2.56 2.90 5.05
N CYS A 45 1.35 2.50 4.69
CA CYS A 45 0.23 3.43 4.62
C CYS A 45 -0.14 3.95 6.01
N GLN A 46 -0.57 3.03 6.88
CA GLN A 46 -0.96 3.40 8.24
C GLN A 46 0.24 3.96 9.01
N GLY A 47 1.41 3.40 8.77
CA GLY A 47 2.61 3.86 9.44
C GLY A 47 2.36 4.22 10.89
N GLU A 48 2.83 5.38 11.30
CA GLU A 48 2.65 5.83 12.68
C GLU A 48 1.18 6.12 12.97
N LYS A 49 0.57 5.27 13.78
CA LYS A 49 -0.84 5.42 14.14
C LYS A 49 -1.02 5.34 15.65
N SER A 50 -1.49 6.43 16.25
CA SER A 50 -1.71 6.48 17.69
C SER A 50 -3.18 6.26 18.02
N SER A 51 -3.44 5.33 18.92
CA SER A 51 -4.81 5.02 19.32
C SER A 51 -4.96 5.10 20.84
N GLY A 52 -5.96 5.84 21.30
CA GLY A 52 -6.20 5.98 22.72
C GLY A 52 -4.92 6.21 23.50
N PRO A 53 -4.27 7.36 23.25
CA PRO A 53 -3.02 7.73 23.92
C PRO A 53 -3.23 8.06 25.39
N SER A 54 -2.13 8.26 26.11
CA SER A 54 -2.19 8.58 27.53
C SER A 54 -3.35 9.54 27.82
N SER A 55 -3.48 10.58 27.01
CA SER A 55 -4.54 11.55 27.19
C SER A 55 -5.81 11.11 26.47
N GLY A 56 -6.95 11.25 27.14
CA GLY A 56 -8.21 10.85 26.56
C GLY A 56 -9.31 10.72 27.60
N GLY A 1 11.49 2.03 -13.98
CA GLY A 1 11.38 1.66 -12.58
C GLY A 1 10.40 0.52 -12.36
N SER A 2 10.90 -0.70 -12.39
CA SER A 2 10.05 -1.87 -12.20
C SER A 2 10.90 -3.13 -12.03
N SER A 3 10.54 -3.93 -11.03
CA SER A 3 11.28 -5.17 -10.75
C SER A 3 10.57 -6.37 -11.37
N GLY A 4 10.86 -6.62 -12.65
CA GLY A 4 10.23 -7.74 -13.33
C GLY A 4 8.80 -7.97 -12.90
N SER A 5 8.50 -9.20 -12.48
CA SER A 5 7.15 -9.53 -12.04
C SER A 5 7.11 -9.78 -10.54
N SER A 6 7.04 -8.69 -9.77
CA SER A 6 7.01 -8.79 -8.32
C SER A 6 6.81 -7.41 -7.69
N GLY A 7 6.57 -7.39 -6.39
CA GLY A 7 6.36 -6.13 -5.69
C GLY A 7 5.93 -6.33 -4.25
N TRP A 8 4.68 -6.75 -4.06
CA TRP A 8 4.15 -6.98 -2.72
C TRP A 8 4.56 -5.86 -1.78
N THR A 9 4.53 -4.62 -2.28
CA THR A 9 4.91 -3.47 -1.46
C THR A 9 4.03 -2.26 -1.80
N CYS A 10 3.86 -1.38 -0.82
CA CYS A 10 3.04 -0.19 -1.02
C CYS A 10 3.88 1.08 -0.88
N ASN A 11 3.33 2.21 -1.33
CA ASN A 11 4.03 3.47 -1.26
C ASN A 11 3.13 4.57 -0.72
N LYS A 12 3.73 5.63 -0.19
CA LYS A 12 2.97 6.75 0.35
C LYS A 12 1.88 7.20 -0.61
N PHE A 13 2.26 7.38 -1.88
CA PHE A 13 1.30 7.80 -2.90
C PHE A 13 0.20 6.77 -3.09
N ARG A 14 0.61 5.51 -3.32
CA ARG A 14 -0.35 4.43 -3.52
C ARG A 14 -1.47 4.50 -2.50
N CYS A 15 -1.10 4.62 -1.22
CA CYS A 15 -2.08 4.69 -0.15
C CYS A 15 -3.33 5.44 -0.60
N GLY A 16 -4.43 4.70 -0.76
CA GLY A 16 -5.68 5.31 -1.19
C GLY A 16 -5.87 5.23 -2.69
N GLU A 17 -5.51 4.09 -3.28
CA GLU A 17 -5.65 3.90 -4.72
C GLU A 17 -7.08 3.56 -5.08
N LYS A 18 -7.31 3.25 -6.36
CA LYS A 18 -8.64 2.90 -6.84
C LYS A 18 -8.74 1.42 -7.13
N ARG A 19 -9.97 0.91 -7.20
CA ARG A 19 -10.19 -0.51 -7.48
C ARG A 19 -9.15 -1.05 -8.44
N LEU A 20 -8.77 -2.30 -8.24
CA LEU A 20 -7.76 -2.94 -9.10
C LEU A 20 -7.98 -4.46 -9.15
N THR A 21 -7.99 -5.00 -10.36
CA THR A 21 -8.19 -6.44 -10.54
C THR A 21 -6.86 -7.14 -10.82
N ARG A 22 -6.23 -6.77 -11.93
CA ARG A 22 -4.95 -7.37 -12.31
C ARG A 22 -3.84 -6.92 -11.38
N SER A 23 -3.75 -7.57 -10.22
CA SER A 23 -2.73 -7.23 -9.24
C SER A 23 -2.71 -8.26 -8.10
N LEU A 24 -1.51 -8.66 -7.69
CA LEU A 24 -1.35 -9.63 -6.62
C LEU A 24 -2.05 -9.17 -5.35
N CYS A 25 -1.71 -7.97 -4.89
CA CYS A 25 -2.30 -7.41 -3.69
C CYS A 25 -2.92 -6.04 -3.98
N ALA A 26 -3.48 -5.43 -2.94
CA ALA A 26 -4.10 -4.11 -3.08
C ALA A 26 -3.70 -3.19 -1.94
N CYS A 27 -3.28 -1.98 -2.29
CA CYS A 27 -2.85 -1.00 -1.29
C CYS A 27 -3.96 0.00 -1.02
N SER A 28 -5.21 -0.49 -0.97
CA SER A 28 -6.36 0.37 -0.72
C SER A 28 -7.23 -0.21 0.40
N ASP A 29 -8.20 0.57 0.85
CA ASP A 29 -9.10 0.15 1.91
C ASP A 29 -9.80 -1.15 1.53
N ASP A 30 -10.17 -1.26 0.26
CA ASP A 30 -10.85 -2.46 -0.22
C ASP A 30 -10.20 -3.72 0.32
N CYS A 31 -8.87 -3.77 0.25
CA CYS A 31 -8.13 -4.93 0.73
C CYS A 31 -8.66 -5.40 2.09
N LYS A 32 -9.06 -4.44 2.92
CA LYS A 32 -9.59 -4.75 4.25
C LYS A 32 -10.73 -5.76 4.14
N ASP A 33 -11.63 -5.53 3.19
CA ASP A 33 -12.77 -6.42 2.99
C ASP A 33 -12.31 -7.80 2.53
N GLN A 34 -11.67 -7.85 1.37
CA GLN A 34 -11.18 -9.10 0.81
C GLN A 34 -10.20 -9.78 1.78
N GLY A 35 -9.08 -9.10 2.04
CA GLY A 35 -8.08 -9.65 2.93
C GLY A 35 -6.76 -9.93 2.24
N ASP A 36 -6.47 -9.15 1.21
CA ASP A 36 -5.24 -9.31 0.45
C ASP A 36 -4.39 -8.05 0.53
N CYS A 37 -4.32 -7.46 1.72
CA CYS A 37 -3.54 -6.24 1.92
C CYS A 37 -2.04 -6.54 1.85
N CYS A 38 -1.37 -5.88 0.91
CA CYS A 38 0.07 -6.07 0.73
C CYS A 38 0.78 -6.12 2.08
N ILE A 39 1.71 -7.07 2.21
CA ILE A 39 2.46 -7.22 3.45
C ILE A 39 2.96 -5.88 3.96
N ASN A 40 3.31 -4.99 3.03
CA ASN A 40 3.81 -3.67 3.39
C ASN A 40 2.74 -2.60 3.15
N TYR A 41 1.51 -2.92 3.48
CA TYR A 41 0.39 -2.00 3.29
C TYR A 41 0.26 -1.06 4.49
N SER A 42 -0.10 -1.63 5.64
CA SER A 42 -0.27 -0.84 6.86
C SER A 42 1.07 -0.31 7.35
N SER A 43 2.13 -1.09 7.12
CA SER A 43 3.47 -0.70 7.55
C SER A 43 3.87 0.64 6.92
N VAL A 44 3.55 0.79 5.64
CA VAL A 44 3.89 2.01 4.91
C VAL A 44 2.76 3.04 5.02
N CYS A 45 1.55 2.62 4.71
CA CYS A 45 0.38 3.49 4.77
C CYS A 45 0.02 3.80 6.21
N GLN A 46 -0.44 2.79 6.94
CA GLN A 46 -0.83 2.96 8.33
C GLN A 46 0.39 2.87 9.24
N GLY A 47 1.48 3.53 8.85
CA GLY A 47 2.69 3.52 9.64
C GLY A 47 3.45 4.82 9.55
N GLU A 48 3.98 5.11 8.37
CA GLU A 48 4.74 6.33 8.16
C GLU A 48 6.05 6.32 8.95
N LYS A 49 6.75 5.19 8.87
CA LYS A 49 8.02 5.04 9.58
C LYS A 49 9.15 4.71 8.60
N SER A 50 9.65 5.73 7.92
CA SER A 50 10.73 5.55 6.95
C SER A 50 12.07 5.96 7.56
N SER A 51 12.65 5.06 8.35
CA SER A 51 13.93 5.32 8.99
C SER A 51 15.07 4.69 8.21
N GLY A 52 14.93 3.41 7.90
CA GLY A 52 15.95 2.71 7.14
C GLY A 52 15.38 1.74 6.13
N PRO A 53 15.68 1.97 4.85
CA PRO A 53 15.21 1.12 3.75
C PRO A 53 15.84 -0.26 3.75
N SER A 54 16.68 -0.52 4.76
CA SER A 54 17.36 -1.80 4.89
C SER A 54 16.35 -2.93 4.99
N SER A 55 16.14 -3.64 3.89
CA SER A 55 15.20 -4.75 3.86
C SER A 55 15.94 -6.08 3.73
N GLY A 56 15.84 -6.91 4.76
CA GLY A 56 16.49 -8.21 4.74
C GLY A 56 17.98 -8.10 4.46
#